data_5W8U
#
_entry.id   5W8U
#
_cell.length_a   86.370
_cell.length_b   86.370
_cell.length_c   224.087
_cell.angle_alpha   90.00
_cell.angle_beta   90.00
_cell.angle_gamma   90.00
#
_symmetry.space_group_name_H-M   'P 43'
#
loop_
_entity.id
_entity.type
_entity.pdbx_description
1 polymer ORF1ab
2 polymer 'Ubiquitin-like protein ISG15'
3 non-polymer 'ZINC ION'
4 non-polymer prop-2-en-1-amine
5 non-polymer (4S)-2-METHYL-2,4-PENTANEDIOL
6 water water
#
loop_
_entity_poly.entity_id
_entity_poly.type
_entity_poly.pdbx_seq_one_letter_code
_entity_poly.pdbx_strand_id
1 'polypeptide(L)'
;QLTIEVLVTVDGVNFRTVVLNNKNTYRSQLGCVFFNGADISDTIPDEKQNGHSLYLADNLTADETKALKELYGPVDPTFL
HRFYSLKAAVHGWKMVVCDKVRSLKLSDNNCYLNAVIMTLDLLKDIKFVIPALQHAFMKHKGGDSTDFIALIMAYGNCTF
GAPDDASRLLHTVLAKAELCCSARMVWREWCNVCGIKDVVLQGLKACCYVGVQTVEDLRARMTYVCQCGGERHRQLVEHT
TPWLLLSGTPNEKLVTTSTAPDFVAFNVFQGIETAVGHYVHARLKGGLILKFDSGTVSKTSDWKCKVTDVLFPGQKYSSD
CN
;
A,C
2 'polypeptide(L)' MEPLSILVRNNKGRSSTYEVRLTQTVAHLKQQVSGLEGVQDDLFWLTFEGKPLEDQLPLGEYGLKPLSTVFMNLRLRG B,D
#
# COMPACT_ATOMS: atom_id res chain seq x y z
N LEU A 2 62.12 14.88 8.20
CA LEU A 2 61.55 14.95 9.54
C LEU A 2 60.05 14.65 9.48
N THR A 3 59.23 15.69 9.61
CA THR A 3 57.79 15.59 9.73
C THR A 3 57.17 16.82 9.08
N ILE A 4 56.01 16.62 8.47
CA ILE A 4 55.31 17.70 7.78
C ILE A 4 53.96 17.93 8.45
N GLU A 5 53.45 19.14 8.27
CA GLU A 5 52.10 19.49 8.69
C GLU A 5 51.23 19.68 7.46
N VAL A 6 50.05 19.08 7.47
CA VAL A 6 49.13 19.16 6.34
C VAL A 6 47.77 19.64 6.85
N LEU A 7 47.06 20.35 6.00
CA LEU A 7 45.69 20.78 6.28
C LEU A 7 44.72 19.81 5.63
N VAL A 8 43.80 19.27 6.43
CA VAL A 8 42.84 18.26 5.98
C VAL A 8 41.47 18.91 5.90
N THR A 9 40.83 18.81 4.74
CA THR A 9 39.56 19.46 4.52
C THR A 9 38.65 18.58 3.69
N VAL A 10 37.34 18.77 3.90
CA VAL A 10 36.32 18.21 3.03
C VAL A 10 35.58 19.29 2.26
N ASP A 11 35.57 20.52 2.77
CA ASP A 11 34.76 21.61 2.26
C ASP A 11 35.60 22.68 1.58
N GLY A 12 36.91 22.70 1.79
CA GLY A 12 37.73 23.75 1.30
C GLY A 12 37.70 25.02 2.11
N VAL A 13 36.86 25.11 3.15
CA VAL A 13 36.93 26.32 3.96
C VAL A 13 37.19 26.01 5.43
N ASN A 14 36.91 24.78 5.87
CA ASN A 14 37.28 24.33 7.20
C ASN A 14 38.43 23.33 7.13
N PHE A 15 39.44 23.52 7.98
CA PHE A 15 40.66 22.74 7.90
C PHE A 15 41.06 22.18 9.27
N ARG A 16 41.68 21.00 9.23
CA ARG A 16 42.22 20.36 10.42
C ARG A 16 43.69 20.06 10.18
N THR A 17 44.53 20.39 11.16
CA THR A 17 45.96 20.20 11.03
C THR A 17 46.36 18.82 11.52
N VAL A 18 47.11 18.10 10.68
CA VAL A 18 47.68 16.80 11.04
C VAL A 18 49.17 16.84 10.73
N VAL A 19 49.99 16.40 11.67
CA VAL A 19 51.43 16.27 11.48
C VAL A 19 51.76 14.81 11.23
N LEU A 20 52.52 14.54 10.17
CA LEU A 20 52.82 13.19 9.72
C LEU A 20 54.33 12.98 9.66
N ASN A 21 54.75 11.72 9.73
CA ASN A 21 56.14 11.37 9.56
C ASN A 21 56.41 10.96 8.11
N ASN A 22 57.70 10.91 7.76
CA ASN A 22 58.13 10.46 6.45
C ASN A 22 58.58 9.00 6.47
N LYS A 23 58.04 8.22 7.41
CA LYS A 23 58.37 6.80 7.53
C LYS A 23 57.27 5.89 7.01
N ASN A 24 56.01 6.33 7.01
CA ASN A 24 54.89 5.53 6.57
C ASN A 24 54.08 6.32 5.54
N THR A 25 53.27 5.59 4.78
CA THR A 25 52.45 6.22 3.75
C THR A 25 51.28 6.99 4.39
N TYR A 26 50.66 7.83 3.57
CA TYR A 26 49.48 8.56 4.01
C TYR A 26 48.36 7.62 4.47
N ARG A 27 48.22 6.48 3.79
CA ARG A 27 47.13 5.56 4.08
C ARG A 27 47.22 5.00 5.49
N SER A 28 48.43 4.70 5.96
CA SER A 28 48.59 4.15 7.30
C SER A 28 48.53 5.22 8.38
N GLN A 29 49.01 6.43 8.08
CA GLN A 29 49.03 7.47 9.10
C GLN A 29 47.70 8.20 9.22
N LEU A 30 46.96 8.33 8.12
CA LEU A 30 45.80 9.21 8.10
C LEU A 30 44.61 8.58 7.38
N GLY A 31 44.82 8.12 6.16
CA GLY A 31 43.79 7.56 5.31
C GLY A 31 44.09 7.88 3.87
N CYS A 32 43.07 7.79 3.01
CA CYS A 32 43.25 8.11 1.61
C CYS A 32 43.04 9.60 1.39
N VAL A 33 44.01 10.23 0.73
CA VAL A 33 44.05 11.68 0.57
C VAL A 33 44.24 12.01 -0.89
N PHE A 34 43.72 13.16 -1.30
CA PHE A 34 43.86 13.64 -2.67
C PHE A 34 44.52 15.01 -2.65
N PHE A 35 45.56 15.17 -3.46
CA PHE A 35 46.32 16.41 -3.55
C PHE A 35 46.27 16.89 -5.00
N ASN A 36 45.60 18.03 -5.22
CA ASN A 36 45.44 18.60 -6.55
C ASN A 36 44.77 17.61 -7.50
N GLY A 37 43.77 16.90 -7.00
CA GLY A 37 43.00 15.97 -7.78
C GLY A 37 43.61 14.59 -7.96
N ALA A 38 44.84 14.38 -7.53
CA ALA A 38 45.51 13.09 -7.67
C ALA A 38 45.54 12.34 -6.35
N ASP A 39 45.44 11.03 -6.43
CA ASP A 39 45.48 10.17 -5.24
C ASP A 39 46.93 9.95 -4.82
N ILE A 40 47.27 10.35 -3.60
CA ILE A 40 48.61 10.19 -3.07
C ILE A 40 48.62 9.35 -1.79
N SER A 41 47.59 8.53 -1.59
CA SER A 41 47.45 7.79 -0.35
C SER A 41 48.59 6.79 -0.15
N ASP A 42 49.06 6.19 -1.23
CA ASP A 42 50.07 5.14 -1.17
C ASP A 42 51.48 5.68 -1.33
N THR A 43 51.67 6.99 -1.24
CA THR A 43 52.98 7.61 -1.24
C THR A 43 53.39 8.02 0.17
N ILE A 44 54.69 8.21 0.34
CA ILE A 44 55.26 8.65 1.62
C ILE A 44 55.20 10.18 1.68
N PRO A 45 54.71 10.77 2.77
CA PRO A 45 54.73 12.24 2.88
C PRO A 45 56.15 12.78 2.83
N ASP A 46 56.30 13.89 2.11
CA ASP A 46 57.58 14.60 2.05
C ASP A 46 57.28 16.09 2.14
N GLU A 47 58.33 16.90 2.04
CA GLU A 47 58.22 18.34 2.25
C GLU A 47 57.46 19.07 1.15
N LYS A 48 57.25 18.42 0.00
CA LYS A 48 56.54 19.10 -1.09
C LYS A 48 55.08 19.38 -0.72
N GLN A 49 54.49 18.56 0.15
CA GLN A 49 53.14 18.75 0.63
C GLN A 49 53.08 19.50 1.96
N ASN A 50 54.23 19.99 2.45
CA ASN A 50 54.27 20.68 3.74
C ASN A 50 53.53 22.01 3.64
N GLY A 51 52.54 22.21 4.52
CA GLY A 51 51.76 23.42 4.50
C GLY A 51 50.70 23.50 3.44
N HIS A 52 50.34 22.37 2.83
CA HIS A 52 49.36 22.35 1.75
C HIS A 52 48.08 21.65 2.21
N SER A 53 46.99 21.99 1.54
CA SER A 53 45.70 21.40 1.87
C SER A 53 45.52 20.08 1.16
N LEU A 54 44.93 19.11 1.86
CA LEU A 54 44.64 17.79 1.32
C LEU A 54 43.17 17.48 1.49
N TYR A 55 42.61 16.77 0.51
CA TYR A 55 41.21 16.37 0.54
C TYR A 55 41.13 14.92 1.01
N LEU A 56 40.68 14.73 2.24
CA LEU A 56 40.63 13.42 2.86
C LEU A 56 39.32 12.71 2.50
N ALA A 57 39.41 11.40 2.25
CA ALA A 57 38.25 10.58 1.90
C ALA A 57 37.99 9.46 2.88
N ASP A 58 39.03 8.76 3.33
CA ASP A 58 38.89 7.72 4.34
C ASP A 58 38.94 8.31 5.74
N ASN A 59 38.26 7.65 6.68
CA ASN A 59 38.35 7.93 8.12
C ASN A 59 38.03 9.40 8.41
N LEU A 60 36.85 9.83 7.98
CA LEU A 60 36.42 11.19 8.26
C LEU A 60 36.12 11.35 9.74
N THR A 61 36.42 12.53 10.25
CA THR A 61 36.09 12.85 11.63
C THR A 61 34.61 13.21 11.74
N ALA A 62 34.13 13.34 12.97
CA ALA A 62 32.71 13.62 13.21
C ALA A 62 32.30 14.93 12.56
N ASP A 63 33.10 15.98 12.75
CA ASP A 63 32.76 17.28 12.17
C ASP A 63 32.87 17.26 10.65
N GLU A 64 33.89 16.60 10.12
CA GLU A 64 34.04 16.50 8.67
C GLU A 64 32.89 15.71 8.06
N THR A 65 32.32 14.75 8.79
CA THR A 65 31.21 13.97 8.27
C THR A 65 29.97 14.84 8.10
N LYS A 66 29.65 15.67 9.09
CA LYS A 66 28.45 16.50 8.96
C LYS A 66 28.67 17.65 7.98
N ALA A 67 29.91 18.15 7.86
CA ALA A 67 30.22 19.05 6.76
C ALA A 67 30.02 18.35 5.42
N LEU A 68 30.31 17.04 5.36
CA LEU A 68 30.08 16.28 4.15
C LEU A 68 28.59 16.13 3.84
N LYS A 69 27.77 15.89 4.87
CA LYS A 69 26.33 15.81 4.65
C LYS A 69 25.74 17.18 4.30
N GLU A 70 26.38 18.26 4.75
CA GLU A 70 25.95 19.59 4.37
C GLU A 70 26.25 19.88 2.90
N LEU A 71 27.35 19.36 2.38
CA LEU A 71 27.81 19.68 1.04
C LEU A 71 27.20 18.76 -0.01
N TYR A 72 27.10 17.46 0.29
CA TYR A 72 26.70 16.45 -0.68
C TYR A 72 25.36 15.81 -0.38
N GLY A 73 24.70 16.18 0.71
CA GLY A 73 23.45 15.56 1.12
C GLY A 73 23.70 14.32 1.95
N PRO A 74 22.63 13.57 2.25
CA PRO A 74 22.77 12.37 3.08
C PRO A 74 23.40 11.20 2.33
N VAL A 75 24.73 11.13 2.32
CA VAL A 75 25.43 10.10 1.57
C VAL A 75 26.07 9.10 2.53
N ASP A 76 26.40 7.92 1.99
CA ASP A 76 26.99 6.84 2.76
C ASP A 76 28.51 7.04 2.88
N PRO A 77 29.16 6.31 3.80
CA PRO A 77 30.60 6.55 4.01
C PRO A 77 31.47 6.28 2.78
N THR A 78 31.05 5.37 1.89
CA THR A 78 31.86 5.10 0.70
C THR A 78 31.79 6.22 -0.33
N PHE A 79 30.87 7.18 -0.16
CA PHE A 79 30.56 8.12 -1.23
C PHE A 79 31.76 8.99 -1.60
N LEU A 80 32.43 9.55 -0.59
CA LEU A 80 33.49 10.51 -0.89
C LEU A 80 34.66 9.86 -1.60
N HIS A 81 35.00 8.62 -1.21
CA HIS A 81 36.10 7.92 -1.88
C HIS A 81 35.74 7.62 -3.33
N ARG A 82 34.50 7.19 -3.56
CA ARG A 82 34.07 6.88 -4.93
C ARG A 82 34.08 8.12 -5.79
N PHE A 83 33.59 9.24 -5.27
CA PHE A 83 33.53 10.47 -6.07
C PHE A 83 34.93 10.96 -6.43
N TYR A 84 35.83 10.98 -5.45
CA TYR A 84 37.18 11.47 -5.71
C TYR A 84 37.92 10.59 -6.70
N SER A 85 37.73 9.26 -6.60
CA SER A 85 38.40 8.35 -7.52
C SER A 85 37.78 8.42 -8.92
N LEU A 86 36.44 8.46 -8.99
CA LEU A 86 35.79 8.56 -10.29
C LEU A 86 36.17 9.84 -11.01
N LYS A 87 36.35 10.93 -10.27
CA LYS A 87 36.65 12.21 -10.91
C LYS A 87 38.01 12.18 -11.60
N ALA A 88 39.02 11.60 -10.96
CA ALA A 88 40.32 11.54 -11.63
C ALA A 88 40.37 10.42 -12.68
N ALA A 89 39.46 9.46 -12.62
CA ALA A 89 39.43 8.41 -13.64
C ALA A 89 38.87 8.92 -14.96
N VAL A 90 37.93 9.87 -14.90
CA VAL A 90 37.31 10.39 -16.11
C VAL A 90 38.02 11.66 -16.57
N HIS A 91 39.26 11.84 -16.11
CA HIS A 91 40.01 13.04 -16.45
C HIS A 91 40.24 13.15 -17.94
N GLY A 92 40.48 12.02 -18.62
CA GLY A 92 40.72 12.04 -20.05
C GLY A 92 39.49 12.18 -20.91
N TRP A 93 38.30 12.05 -20.34
CA TRP A 93 37.08 12.15 -21.11
C TRP A 93 36.92 13.56 -21.69
N LYS A 94 36.16 13.66 -22.77
CA LYS A 94 36.04 14.92 -23.49
C LYS A 94 34.61 15.18 -23.92
N MET A 95 34.20 16.44 -23.81
CA MET A 95 32.94 16.92 -24.38
C MET A 95 33.25 17.53 -25.73
N VAL A 96 32.69 16.96 -26.79
CA VAL A 96 32.97 17.35 -28.16
C VAL A 96 31.77 18.09 -28.72
N VAL A 97 32.03 19.17 -29.46
CA VAL A 97 30.97 19.98 -30.04
C VAL A 97 30.52 19.35 -31.35
N CYS A 98 29.23 18.98 -31.42
CA CYS A 98 28.63 18.40 -32.62
C CYS A 98 27.43 19.25 -32.99
N ASP A 99 27.51 19.92 -34.14
CA ASP A 99 26.42 20.76 -34.65
C ASP A 99 25.92 21.74 -33.59
N LYS A 100 26.85 22.48 -33.02
CA LYS A 100 26.68 23.59 -32.08
C LYS A 100 26.33 23.16 -30.65
N VAL A 101 26.26 21.87 -30.34
CA VAL A 101 25.99 21.41 -28.99
C VAL A 101 27.05 20.41 -28.56
N ARG A 102 27.13 20.18 -27.26
CA ARG A 102 28.20 19.38 -26.65
C ARG A 102 27.73 17.96 -26.39
N SER A 103 28.56 16.99 -26.77
CA SER A 103 28.26 15.59 -26.63
C SER A 103 29.48 14.88 -26.04
N LEU A 104 29.22 13.84 -25.24
CA LEU A 104 30.29 13.12 -24.55
C LEU A 104 30.93 12.10 -25.47
N LYS A 105 32.21 12.30 -25.81
CA LYS A 105 32.93 11.36 -26.64
C LYS A 105 33.00 9.98 -25.98
N LEU A 106 32.87 8.93 -26.79
CA LEU A 106 32.83 7.57 -26.26
C LEU A 106 34.16 7.19 -25.61
N SER A 107 34.07 6.70 -24.38
CA SER A 107 35.24 6.25 -23.63
C SER A 107 34.75 5.42 -22.46
N ASP A 108 35.28 4.20 -22.33
CA ASP A 108 35.03 3.36 -21.14
C ASP A 108 33.54 3.15 -20.90
N ASN A 109 32.81 2.83 -21.96
CA ASN A 109 31.39 2.45 -21.89
C ASN A 109 30.53 3.56 -21.29
N ASN A 110 30.85 4.82 -21.57
CA ASN A 110 30.11 5.94 -21.00
C ASN A 110 28.97 6.42 -21.89
N CYS A 111 28.51 5.60 -22.83
CA CYS A 111 27.46 6.05 -23.74
C CYS A 111 26.16 6.35 -23.00
N TYR A 112 25.86 5.58 -21.94
CA TYR A 112 24.67 5.89 -21.15
C TYR A 112 24.78 7.28 -20.52
N LEU A 113 26.00 7.69 -20.13
CA LEU A 113 26.20 9.01 -19.58
C LEU A 113 25.98 10.10 -20.61
N ASN A 114 26.32 9.82 -21.87
CA ASN A 114 26.04 10.77 -22.94
C ASN A 114 24.54 11.00 -23.10
N ALA A 115 23.76 9.92 -23.02
CA ALA A 115 22.30 10.06 -23.09
C ALA A 115 21.76 10.85 -21.90
N VAL A 116 22.30 10.60 -20.71
CA VAL A 116 21.80 11.29 -19.52
C VAL A 116 22.14 12.78 -19.59
N ILE A 117 23.40 13.11 -19.86
CA ILE A 117 23.84 14.50 -19.82
C ILE A 117 23.18 15.31 -20.92
N MET A 118 23.16 14.78 -22.15
CA MET A 118 22.55 15.49 -23.27
C MET A 118 21.05 15.67 -23.08
N THR A 119 20.38 14.72 -22.41
CA THR A 119 18.98 14.93 -22.06
C THR A 119 18.84 16.02 -21.01
N LEU A 120 19.71 16.00 -19.99
CA LEU A 120 19.67 17.04 -18.96
C LEU A 120 19.94 18.41 -19.54
N ASP A 121 20.81 18.50 -20.55
CA ASP A 121 21.13 19.80 -21.16
C ASP A 121 19.92 20.43 -21.85
N LEU A 122 18.89 19.66 -22.16
CA LEU A 122 17.70 20.24 -22.78
C LEU A 122 16.74 20.79 -21.73
N LEU A 123 16.78 20.26 -20.50
CA LEU A 123 15.96 20.76 -19.40
C LEU A 123 16.67 21.99 -18.84
N LYS A 124 16.33 23.15 -19.39
CA LYS A 124 17.00 24.40 -19.04
C LYS A 124 16.30 25.16 -17.92
N ASP A 125 15.48 24.48 -17.11
CA ASP A 125 14.73 25.13 -16.04
C ASP A 125 14.92 24.44 -14.70
N ILE A 126 15.96 23.62 -14.58
CA ILE A 126 16.14 22.77 -13.42
C ILE A 126 17.29 23.28 -12.58
N LYS A 127 17.26 22.91 -11.30
CA LYS A 127 18.25 23.34 -10.32
C LYS A 127 18.40 22.21 -9.32
N PHE A 128 19.59 22.10 -8.75
CA PHE A 128 19.84 21.08 -7.73
C PHE A 128 19.88 21.73 -6.36
N VAL A 129 19.26 21.06 -5.39
CA VAL A 129 19.22 21.57 -4.02
C VAL A 129 20.54 21.34 -3.30
N ILE A 130 21.24 20.25 -3.62
CA ILE A 130 22.51 19.93 -2.95
C ILE A 130 23.59 20.87 -3.48
N PRO A 131 24.33 21.57 -2.59
CA PRO A 131 25.27 22.61 -3.08
C PRO A 131 26.37 22.07 -3.98
N ALA A 132 26.92 20.90 -3.68
CA ALA A 132 28.00 20.37 -4.50
C ALA A 132 27.49 19.94 -5.87
N LEU A 133 26.28 19.39 -5.92
CA LEU A 133 25.69 18.98 -7.18
C LEU A 133 25.34 20.18 -8.05
N GLN A 134 24.77 21.23 -7.43
CA GLN A 134 24.42 22.42 -8.19
C GLN A 134 25.66 23.13 -8.70
N HIS A 135 26.73 23.14 -7.90
CA HIS A 135 27.98 23.77 -8.34
C HIS A 135 28.56 23.04 -9.54
N ALA A 136 28.64 21.71 -9.46
CA ALA A 136 29.16 20.93 -10.59
C ALA A 136 28.28 21.10 -11.83
N PHE A 137 26.97 21.24 -11.63
CA PHE A 137 26.06 21.46 -12.76
C PHE A 137 26.34 22.80 -13.43
N MET A 138 26.57 23.85 -12.64
CA MET A 138 26.90 25.15 -13.22
C MET A 138 28.26 25.13 -13.91
N LYS A 139 29.23 24.41 -13.33
CA LYS A 139 30.52 24.26 -14.00
C LYS A 139 30.38 23.49 -15.31
N HIS A 140 29.49 22.51 -15.34
CA HIS A 140 29.25 21.75 -16.58
C HIS A 140 28.69 22.65 -17.66
N LYS A 141 27.64 23.41 -17.34
CA LYS A 141 27.06 24.35 -18.30
C LYS A 141 28.04 25.44 -18.70
N GLY A 142 29.13 25.61 -17.94
CA GLY A 142 30.13 26.60 -18.29
C GLY A 142 31.22 26.04 -19.16
N GLY A 143 31.35 24.71 -19.20
CA GLY A 143 32.33 24.08 -20.08
C GLY A 143 33.21 23.04 -19.42
N ASP A 144 33.11 22.89 -18.11
CA ASP A 144 33.93 21.93 -17.35
C ASP A 144 32.99 20.91 -16.69
N SER A 145 32.92 19.72 -17.28
CA SER A 145 31.94 18.72 -16.90
C SER A 145 32.51 17.60 -16.04
N THR A 146 33.80 17.62 -15.74
CA THR A 146 34.42 16.51 -15.00
C THR A 146 33.73 16.29 -13.66
N ASP A 147 33.51 17.36 -12.90
CA ASP A 147 32.88 17.23 -11.59
C ASP A 147 31.48 16.66 -11.69
N PHE A 148 30.66 17.22 -12.59
CA PHE A 148 29.28 16.77 -12.73
C PHE A 148 29.21 15.29 -13.12
N ILE A 149 30.04 14.88 -14.09
CA ILE A 149 30.05 13.49 -14.53
C ILE A 149 30.35 12.55 -13.37
N ALA A 150 31.37 12.88 -12.57
CA ALA A 150 31.78 12.01 -11.47
C ALA A 150 30.72 11.99 -10.36
N LEU A 151 30.14 13.15 -10.05
CA LEU A 151 29.09 13.18 -9.02
C LEU A 151 27.87 12.37 -9.45
N ILE A 152 27.47 12.52 -10.71
CA ILE A 152 26.35 11.75 -11.25
C ILE A 152 26.62 10.25 -11.10
N MET A 153 27.83 9.82 -11.46
CA MET A 153 28.19 8.42 -11.33
C MET A 153 28.25 7.99 -9.86
N ALA A 154 28.68 8.88 -8.97
CA ALA A 154 28.74 8.55 -7.55
C ALA A 154 27.33 8.40 -6.96
N TYR A 155 26.46 9.38 -7.20
CA TYR A 155 25.08 9.29 -6.72
C TYR A 155 24.33 8.12 -7.34
N GLY A 156 24.69 7.75 -8.58
CA GLY A 156 24.01 6.67 -9.26
C GLY A 156 24.52 5.28 -8.97
N ASN A 157 25.57 5.15 -8.17
CA ASN A 157 26.21 3.85 -7.90
C ASN A 157 26.70 3.20 -9.19
N CYS A 158 27.23 4.01 -10.09
CA CYS A 158 27.78 3.52 -11.34
C CYS A 158 29.23 3.10 -11.13
N THR A 159 29.59 1.93 -11.64
CA THR A 159 30.96 1.46 -11.55
C THR A 159 31.70 1.86 -12.82
N PHE A 160 32.93 2.35 -12.64
CA PHE A 160 33.68 2.91 -13.76
C PHE A 160 33.90 1.87 -14.85
N GLY A 161 33.83 2.33 -16.10
CA GLY A 161 34.10 1.47 -17.24
C GLY A 161 33.07 0.39 -17.50
N ALA A 162 31.91 0.46 -16.85
CA ALA A 162 30.87 -0.55 -17.04
C ALA A 162 29.62 0.07 -17.64
N PRO A 163 28.90 -0.66 -18.49
CA PRO A 163 27.62 -0.15 -19.01
C PRO A 163 26.58 -0.07 -17.90
N ASP A 164 25.57 0.76 -18.14
CA ASP A 164 24.53 0.99 -17.15
C ASP A 164 23.26 1.47 -17.85
N ASP A 165 22.29 1.94 -17.06
CA ASP A 165 20.93 2.25 -17.50
C ASP A 165 20.76 3.75 -17.56
N ALA A 166 20.55 4.29 -18.76
CA ALA A 166 20.37 5.73 -18.91
C ALA A 166 19.07 6.21 -18.27
N SER A 167 18.00 5.42 -18.38
CA SER A 167 16.72 5.84 -17.80
C SER A 167 16.80 5.90 -16.28
N ARG A 168 17.36 4.85 -15.65
CA ARG A 168 17.47 4.83 -14.21
C ARG A 168 18.29 6.01 -13.70
N LEU A 169 19.47 6.22 -14.29
CA LEU A 169 20.34 7.29 -13.84
C LEU A 169 19.72 8.66 -14.07
N LEU A 170 19.06 8.84 -15.22
CA LEU A 170 18.45 10.13 -15.53
C LEU A 170 17.36 10.49 -14.52
N HIS A 171 16.52 9.52 -14.15
CA HIS A 171 15.44 9.80 -13.20
C HIS A 171 15.94 9.84 -11.77
N THR A 172 17.02 9.11 -11.45
CA THR A 172 17.64 9.25 -10.14
C THR A 172 18.24 10.64 -9.96
N VAL A 173 18.87 11.18 -11.01
CA VAL A 173 19.41 12.53 -10.92
C VAL A 173 18.29 13.56 -10.74
N LEU A 174 17.20 13.41 -11.51
CA LEU A 174 16.12 14.38 -11.43
C LEU A 174 15.38 14.32 -10.09
N ALA A 175 15.43 13.19 -9.40
CA ALA A 175 14.89 13.13 -8.05
C ALA A 175 15.62 14.07 -7.10
N LYS A 176 16.84 14.49 -7.44
CA LYS A 176 17.62 15.42 -6.64
C LYS A 176 17.50 16.85 -7.14
N ALA A 177 16.64 17.11 -8.11
CA ALA A 177 16.52 18.42 -8.73
C ALA A 177 15.20 19.07 -8.35
N GLU A 178 15.06 20.33 -8.74
CA GLU A 178 13.84 21.07 -8.54
C GLU A 178 13.59 21.98 -9.74
N LEU A 179 12.33 22.31 -9.95
CA LEU A 179 11.92 23.14 -11.08
C LEU A 179 11.98 24.61 -10.69
N CYS A 180 12.41 25.44 -11.64
CA CYS A 180 12.49 26.88 -11.42
C CYS A 180 11.23 27.62 -11.83
N CYS A 181 10.19 26.91 -12.25
CA CYS A 181 8.88 27.46 -12.50
C CYS A 181 7.85 26.52 -11.89
N SER A 182 6.58 26.89 -12.00
CA SER A 182 5.53 26.05 -11.46
C SER A 182 5.20 24.91 -12.42
N ALA A 183 4.71 23.81 -11.85
CA ALA A 183 4.21 22.68 -12.61
C ALA A 183 3.28 21.89 -11.71
N ARG A 184 2.39 21.12 -12.31
CA ARG A 184 1.34 20.51 -11.52
C ARG A 184 0.69 19.38 -12.31
N MET A 185 0.44 18.26 -11.63
CA MET A 185 -0.32 17.16 -12.18
C MET A 185 -1.23 16.61 -11.09
N VAL A 186 -2.48 16.35 -11.44
CA VAL A 186 -3.51 15.93 -10.50
C VAL A 186 -4.04 14.57 -10.95
N TRP A 187 -3.91 13.57 -10.08
CA TRP A 187 -4.44 12.24 -10.34
C TRP A 187 -5.77 12.07 -9.63
N ARG A 188 -6.71 11.40 -10.28
CA ARG A 188 -7.98 11.04 -9.67
C ARG A 188 -7.99 9.53 -9.44
N GLU A 189 -8.21 9.12 -8.20
CA GLU A 189 -8.24 7.72 -7.82
C GLU A 189 -9.61 7.37 -7.24
N TRP A 190 -10.16 6.23 -7.64
CA TRP A 190 -11.47 5.86 -7.11
C TRP A 190 -11.59 4.35 -6.99
N CYS A 191 -12.42 3.94 -6.03
CA CYS A 191 -12.75 2.55 -5.76
C CYS A 191 -14.22 2.51 -5.37
N ASN A 192 -14.98 1.60 -5.97
CA ASN A 192 -16.43 1.60 -5.78
C ASN A 192 -16.83 1.41 -4.33
N VAL A 193 -15.95 0.88 -3.49
CA VAL A 193 -16.23 0.70 -2.07
C VAL A 193 -15.62 1.80 -1.23
N CYS A 194 -14.39 2.21 -1.55
CA CYS A 194 -13.65 3.16 -0.73
C CYS A 194 -13.96 4.61 -1.07
N GLY A 195 -14.38 4.91 -2.28
CA GLY A 195 -14.70 6.26 -2.70
C GLY A 195 -13.65 6.82 -3.65
N ILE A 196 -13.68 8.14 -3.81
CA ILE A 196 -12.84 8.85 -4.77
C ILE A 196 -11.99 9.86 -4.03
N LYS A 197 -10.80 10.13 -4.57
CA LYS A 197 -9.86 11.06 -3.96
C LYS A 197 -8.90 11.56 -5.03
N ASP A 198 -8.51 12.84 -4.92
CA ASP A 198 -7.56 13.46 -5.82
C ASP A 198 -6.19 13.55 -5.17
N VAL A 199 -5.14 13.26 -5.96
CA VAL A 199 -3.75 13.33 -5.53
C VAL A 199 -3.05 14.39 -6.36
N VAL A 200 -2.36 15.31 -5.70
CA VAL A 200 -1.73 16.45 -6.36
C VAL A 200 -0.22 16.36 -6.19
N LEU A 201 0.51 16.46 -7.30
CA LEU A 201 1.96 16.66 -7.29
C LEU A 201 2.30 17.98 -7.96
N GLN A 202 3.37 18.61 -7.48
CA GLN A 202 3.82 19.89 -8.01
C GLN A 202 5.31 19.82 -8.32
N GLY A 203 5.79 20.85 -8.99
CA GLY A 203 7.20 21.00 -9.28
C GLY A 203 7.71 19.97 -10.28
N LEU A 204 9.00 19.70 -10.18
CA LEU A 204 9.67 18.83 -11.12
C LEU A 204 9.15 17.39 -11.09
N LYS A 205 8.57 16.96 -9.97
CA LYS A 205 8.01 15.62 -9.90
C LYS A 205 6.81 15.44 -10.83
N ALA A 206 6.16 16.52 -11.23
CA ALA A 206 5.07 16.44 -12.19
C ALA A 206 5.57 16.35 -13.63
N CYS A 207 6.87 16.34 -13.86
CA CYS A 207 7.42 16.36 -15.21
C CYS A 207 8.12 15.07 -15.60
N CYS A 208 8.32 14.13 -14.67
CA CYS A 208 8.96 12.86 -14.97
C CYS A 208 8.03 11.72 -14.60
N TYR A 209 8.05 10.66 -15.41
CA TYR A 209 7.29 9.45 -15.10
C TYR A 209 7.95 8.25 -15.76
N VAL A 210 8.15 7.19 -14.98
CA VAL A 210 8.68 5.93 -15.46
C VAL A 210 7.54 4.93 -15.53
N GLY A 211 7.29 4.37 -16.71
CA GLY A 211 6.24 3.38 -16.89
C GLY A 211 5.51 3.47 -18.20
N VAL A 212 5.48 4.66 -18.81
CA VAL A 212 4.85 4.86 -20.10
C VAL A 212 5.79 5.70 -20.97
N GLN A 213 5.53 5.68 -22.28
CA GLN A 213 6.38 6.38 -23.23
C GLN A 213 5.62 7.28 -24.19
N THR A 214 4.30 7.36 -24.08
CA THR A 214 3.51 8.32 -24.83
C THR A 214 2.59 9.05 -23.86
N VAL A 215 2.17 10.24 -24.27
CA VAL A 215 1.27 11.05 -23.46
C VAL A 215 -0.11 10.39 -23.39
N GLU A 216 -0.50 9.68 -24.45
CA GLU A 216 -1.78 8.97 -24.45
C GLU A 216 -1.79 7.87 -23.40
N ASP A 217 -0.69 7.13 -23.25
CA ASP A 217 -0.64 6.09 -22.24
C ASP A 217 -0.62 6.69 -20.84
N LEU A 218 0.07 7.82 -20.66
CA LEU A 218 0.06 8.51 -19.38
C LEU A 218 -1.34 8.96 -18.99
N ARG A 219 -2.16 9.33 -19.97
CA ARG A 219 -3.51 9.82 -19.71
C ARG A 219 -4.55 8.73 -19.63
N ALA A 220 -4.20 7.48 -19.96
CA ALA A 220 -5.16 6.39 -19.92
C ALA A 220 -5.51 6.01 -18.48
N ARG A 221 -6.64 5.32 -18.34
CA ARG A 221 -7.08 4.85 -17.03
C ARG A 221 -6.24 3.65 -16.60
N MET A 222 -5.92 3.59 -15.32
CA MET A 222 -5.15 2.48 -14.76
C MET A 222 -5.98 1.76 -13.71
N THR A 223 -5.76 0.45 -13.60
CA THR A 223 -6.52 -0.39 -12.68
C THR A 223 -5.57 -1.34 -11.97
N TYR A 224 -5.78 -1.49 -10.66
CA TYR A 224 -4.88 -2.27 -9.81
C TYR A 224 -5.61 -2.53 -8.50
N VAL A 225 -5.06 -3.45 -7.71
CA VAL A 225 -5.75 -3.89 -6.49
C VAL A 225 -5.79 -2.75 -5.47
N CYS A 226 -6.93 -2.58 -4.84
CA CYS A 226 -7.14 -1.60 -3.78
C CYS A 226 -6.81 -2.21 -2.42
N GLN A 227 -6.62 -1.33 -1.43
CA GLN A 227 -6.33 -1.81 -0.08
C GLN A 227 -7.47 -2.65 0.48
N CYS A 228 -8.70 -2.43 0.00
CA CYS A 228 -9.85 -3.22 0.41
C CYS A 228 -9.93 -4.56 -0.30
N GLY A 229 -9.06 -4.83 -1.26
CA GLY A 229 -9.15 -6.03 -2.06
C GLY A 229 -9.86 -5.88 -3.39
N GLY A 230 -10.61 -4.80 -3.59
CA GLY A 230 -11.29 -4.55 -4.85
C GLY A 230 -10.37 -4.03 -5.92
N GLU A 231 -10.96 -3.47 -6.95
CA GLU A 231 -10.18 -2.89 -8.03
C GLU A 231 -10.25 -1.37 -7.92
N ARG A 232 -9.09 -0.75 -7.86
CA ARG A 232 -8.95 0.69 -7.77
C ARG A 232 -8.55 1.22 -9.14
N HIS A 233 -9.02 2.42 -9.45
CA HIS A 233 -8.71 3.08 -10.70
C HIS A 233 -7.99 4.39 -10.43
N ARG A 234 -7.21 4.83 -11.42
CA ARG A 234 -6.46 6.06 -11.35
C ARG A 234 -6.35 6.63 -12.75
N GLN A 235 -6.54 7.94 -12.88
CA GLN A 235 -6.54 8.59 -14.18
C GLN A 235 -6.09 10.03 -14.06
N LEU A 236 -5.24 10.46 -14.99
CA LEU A 236 -4.77 11.85 -15.00
C LEU A 236 -5.91 12.78 -15.36
N VAL A 237 -6.05 13.88 -14.62
CA VAL A 237 -7.20 14.76 -14.74
C VAL A 237 -6.74 16.20 -15.01
N GLU A 238 -5.55 16.55 -14.54
CA GLU A 238 -4.99 17.86 -14.85
C GLU A 238 -3.48 17.72 -14.99
N HIS A 239 -2.91 18.43 -15.97
CA HIS A 239 -1.46 18.39 -16.20
C HIS A 239 -1.03 19.72 -16.82
N THR A 240 -0.20 20.46 -16.09
CA THR A 240 0.42 21.68 -16.60
C THR A 240 1.90 21.64 -16.23
N THR A 241 2.77 21.55 -17.24
CA THR A 241 4.21 21.42 -17.03
C THR A 241 4.93 22.18 -18.13
N PRO A 242 6.20 22.57 -17.89
CA PRO A 242 6.99 23.15 -18.98
C PRO A 242 7.58 22.12 -19.91
N TRP A 243 7.64 20.86 -19.51
CA TRP A 243 8.07 19.75 -20.35
C TRP A 243 7.63 18.46 -19.67
N LEU A 244 7.88 17.34 -20.34
CA LEU A 244 7.46 16.04 -19.83
C LEU A 244 8.44 14.99 -20.29
N LEU A 245 9.01 14.24 -19.34
CA LEU A 245 9.95 13.18 -19.63
C LEU A 245 9.33 11.83 -19.27
N LEU A 246 9.11 11.00 -20.28
CA LEU A 246 8.50 9.68 -20.11
C LEU A 246 9.53 8.62 -20.49
N SER A 247 9.65 7.58 -19.66
CA SER A 247 10.64 6.55 -19.88
C SER A 247 10.03 5.17 -19.64
N GLY A 248 10.50 4.20 -20.41
CA GLY A 248 10.08 2.83 -20.28
C GLY A 248 11.12 1.91 -20.88
N THR A 249 10.78 0.62 -20.93
CA THR A 249 11.68 -0.35 -21.53
C THR A 249 11.85 -0.09 -23.03
N PRO A 250 12.97 -0.53 -23.63
CA PRO A 250 13.15 -0.39 -25.08
C PRO A 250 11.95 -0.87 -25.88
N ASN A 251 11.39 0.01 -26.70
CA ASN A 251 10.16 -0.25 -27.44
C ASN A 251 10.36 0.19 -28.88
N GLU A 252 10.33 -0.77 -29.81
CA GLU A 252 10.62 -0.47 -31.20
C GLU A 252 9.54 0.41 -31.81
N LYS A 253 9.96 1.50 -32.45
CA LYS A 253 9.07 2.45 -33.10
C LYS A 253 9.69 2.89 -34.41
N LEU A 254 8.87 3.52 -35.25
CA LEU A 254 9.32 4.13 -36.49
C LEU A 254 9.21 5.64 -36.32
N VAL A 255 10.34 6.29 -36.01
CA VAL A 255 10.36 7.75 -35.87
C VAL A 255 10.50 8.37 -37.26
N THR A 256 9.65 9.35 -37.54
CA THR A 256 9.50 9.89 -38.88
C THR A 256 9.29 11.39 -38.82
N THR A 257 9.99 12.11 -39.70
CA THR A 257 9.76 13.54 -39.82
C THR A 257 8.46 13.87 -40.54
N SER A 258 8.06 13.04 -41.53
CA SER A 258 6.96 13.42 -42.40
C SER A 258 5.66 13.62 -41.61
N THR A 259 5.49 12.88 -40.52
CA THR A 259 4.32 13.06 -39.68
C THR A 259 4.51 14.14 -38.62
N ALA A 260 5.73 14.68 -38.47
CA ALA A 260 6.03 15.75 -37.53
C ALA A 260 5.60 15.36 -36.12
N PRO A 261 6.38 14.55 -35.42
CA PRO A 261 5.98 14.10 -34.08
C PRO A 261 6.09 15.22 -33.06
N ASP A 262 5.43 15.01 -31.93
CA ASP A 262 5.31 16.04 -30.90
C ASP A 262 6.50 16.09 -29.96
N PHE A 263 7.18 14.96 -29.73
CA PHE A 263 8.34 14.98 -28.85
C PHE A 263 9.50 15.72 -29.51
N VAL A 264 10.38 16.26 -28.67
CA VAL A 264 11.52 17.05 -29.15
C VAL A 264 12.82 16.28 -29.05
N ALA A 265 12.92 15.25 -28.22
CA ALA A 265 14.14 14.47 -28.09
C ALA A 265 13.79 13.12 -27.52
N PHE A 266 14.70 12.16 -27.71
CA PHE A 266 14.48 10.83 -27.18
C PHE A 266 15.81 10.08 -27.17
N ASN A 267 15.86 9.03 -26.36
CA ASN A 267 17.01 8.15 -26.26
C ASN A 267 16.69 6.79 -26.87
N VAL A 268 17.71 6.15 -27.43
CA VAL A 268 17.55 4.87 -28.11
C VAL A 268 18.52 3.88 -27.51
N PHE A 269 18.03 2.69 -27.19
CA PHE A 269 18.87 1.54 -26.85
C PHE A 269 19.02 0.65 -28.07
N GLN A 270 20.26 0.37 -28.45
CA GLN A 270 20.57 -0.51 -29.57
C GLN A 270 21.08 -1.84 -29.05
N GLY A 271 20.55 -2.93 -29.58
CA GLY A 271 20.82 -4.27 -29.09
C GLY A 271 19.59 -4.85 -28.42
N ILE A 272 19.76 -6.07 -27.91
CA ILE A 272 18.70 -6.72 -27.15
C ILE A 272 18.95 -6.48 -25.66
N GLU A 273 17.86 -6.38 -24.90
CA GLU A 273 17.95 -5.93 -23.53
C GLU A 273 18.60 -6.94 -22.60
N THR A 274 18.64 -8.22 -22.98
CA THR A 274 19.30 -9.22 -22.17
C THR A 274 20.82 -9.18 -22.29
N ALA A 275 21.36 -8.24 -23.05
CA ALA A 275 22.80 -8.20 -23.32
C ALA A 275 23.27 -6.75 -23.30
N VAL A 276 24.59 -6.58 -23.28
CA VAL A 276 25.19 -5.26 -23.30
C VAL A 276 24.87 -4.60 -24.63
N GLY A 277 24.22 -3.43 -24.58
CA GLY A 277 23.86 -2.69 -25.76
C GLY A 277 24.54 -1.34 -25.89
N HIS A 278 23.89 -0.40 -26.56
CA HIS A 278 24.48 0.88 -26.90
C HIS A 278 23.39 1.95 -26.89
N TYR A 279 23.73 3.13 -26.36
CA TYR A 279 22.78 4.24 -26.28
C TYR A 279 23.07 5.29 -27.35
N VAL A 280 22.02 5.90 -27.87
CA VAL A 280 22.12 7.05 -28.75
C VAL A 280 21.14 8.11 -28.24
N HIS A 281 21.53 9.37 -28.34
CA HIS A 281 20.68 10.49 -27.97
C HIS A 281 20.23 11.22 -29.23
N ALA A 282 18.92 11.41 -29.38
CA ALA A 282 18.36 11.97 -30.60
C ALA A 282 17.59 13.25 -30.30
N ARG A 283 17.58 14.15 -31.28
CA ARG A 283 16.88 15.42 -31.17
C ARG A 283 16.25 15.78 -32.50
N LEU A 284 15.10 16.44 -32.44
CA LEU A 284 14.39 16.88 -33.64
C LEU A 284 14.70 18.35 -33.87
N LYS A 285 15.25 18.67 -35.05
CA LYS A 285 15.63 20.03 -35.38
C LYS A 285 15.53 20.22 -36.88
N GLY A 286 14.74 21.21 -37.30
CA GLY A 286 14.67 21.58 -38.70
C GLY A 286 14.13 20.51 -39.63
N GLY A 287 13.28 19.62 -39.11
CA GLY A 287 12.74 18.56 -39.93
C GLY A 287 13.64 17.37 -40.12
N LEU A 288 14.61 17.16 -39.23
CA LEU A 288 15.45 15.98 -39.26
C LEU A 288 15.66 15.50 -37.83
N ILE A 289 16.14 14.26 -37.71
CA ILE A 289 16.51 13.67 -36.43
C ILE A 289 18.02 13.71 -36.33
N LEU A 290 18.52 14.44 -35.33
CA LEU A 290 19.96 14.50 -35.07
C LEU A 290 20.32 13.38 -34.11
N LYS A 291 21.15 12.44 -34.56
CA LYS A 291 21.50 11.26 -33.77
C LYS A 291 22.90 11.45 -33.18
N PHE A 292 22.96 11.67 -31.87
CA PHE A 292 24.21 11.93 -31.17
C PHE A 292 24.72 10.63 -30.56
N ASP A 293 25.75 10.06 -31.19
CA ASP A 293 26.33 8.79 -30.76
C ASP A 293 27.73 9.06 -30.21
N SER A 294 27.77 9.54 -28.96
CA SER A 294 29.01 9.61 -28.19
C SER A 294 30.11 10.41 -28.91
N GLY A 295 29.80 11.67 -29.16
CA GLY A 295 30.75 12.56 -29.81
C GLY A 295 30.66 12.59 -31.33
N THR A 296 29.87 11.72 -31.96
CA THR A 296 29.57 11.80 -33.37
C THR A 296 28.10 12.09 -33.58
N VAL A 297 27.77 12.74 -34.69
CA VAL A 297 26.40 13.11 -35.00
C VAL A 297 26.10 12.74 -36.45
N SER A 298 24.93 12.14 -36.67
CA SER A 298 24.43 11.89 -38.01
C SER A 298 22.93 12.14 -38.01
N LYS A 299 22.38 12.35 -39.20
CA LYS A 299 21.05 12.90 -39.35
C LYS A 299 20.23 12.01 -40.27
N THR A 300 18.97 11.82 -39.93
CA THR A 300 18.08 10.99 -40.71
C THR A 300 16.67 11.56 -40.62
N SER A 301 15.88 11.31 -41.65
CA SER A 301 14.46 11.68 -41.62
C SER A 301 13.61 10.57 -41.04
N ASP A 302 14.13 9.34 -41.03
CA ASP A 302 13.39 8.15 -40.66
C ASP A 302 14.33 7.17 -39.99
N TRP A 303 13.84 6.52 -38.93
CA TRP A 303 14.69 5.69 -38.11
C TRP A 303 13.83 4.70 -37.33
N LYS A 304 14.02 3.41 -37.59
CA LYS A 304 13.40 2.35 -36.81
C LYS A 304 14.33 2.01 -35.65
N CYS A 305 13.88 2.24 -34.42
CA CYS A 305 14.76 2.18 -33.28
C CYS A 305 13.97 1.86 -32.01
N LYS A 306 14.68 1.38 -30.99
CA LYS A 306 14.09 1.05 -29.70
C LYS A 306 14.19 2.27 -28.79
N VAL A 307 13.07 2.91 -28.53
CA VAL A 307 13.02 4.13 -27.74
C VAL A 307 12.95 3.78 -26.26
N THR A 308 13.67 4.54 -25.43
CA THR A 308 13.60 4.41 -23.97
C THR A 308 13.01 5.67 -23.35
N ASP A 309 13.79 6.76 -23.27
CA ASP A 309 13.31 8.03 -22.76
C ASP A 309 12.76 8.89 -23.90
N VAL A 310 11.65 9.58 -23.64
CA VAL A 310 11.04 10.50 -24.60
C VAL A 310 10.77 11.82 -23.91
N LEU A 311 11.26 12.92 -24.49
CA LEU A 311 11.05 14.25 -23.95
C LEU A 311 10.00 14.98 -24.79
N PHE A 312 8.88 15.31 -24.17
CA PHE A 312 7.78 16.05 -24.78
C PHE A 312 7.81 17.51 -24.36
N PRO A 313 7.17 18.40 -25.11
CA PRO A 313 7.12 19.81 -24.71
C PRO A 313 6.19 20.04 -23.53
N GLY A 314 5.88 21.31 -23.26
CA GLY A 314 5.01 21.63 -22.15
C GLY A 314 3.63 21.02 -22.31
N GLN A 315 3.03 20.68 -21.17
CA GLN A 315 1.71 20.06 -21.14
C GLN A 315 0.67 21.07 -20.66
N LYS A 316 -0.47 21.09 -21.34
CA LYS A 316 -1.64 21.89 -20.93
C LYS A 316 -2.85 20.98 -21.10
N TYR A 317 -3.31 20.40 -20.00
CA TYR A 317 -4.29 19.33 -20.08
C TYR A 317 -5.28 19.40 -18.93
N SER A 318 -6.53 19.10 -19.22
CA SER A 318 -7.59 19.01 -18.22
C SER A 318 -8.68 18.11 -18.80
N SER A 319 -9.17 17.16 -17.99
CA SER A 319 -10.09 16.16 -18.47
C SER A 319 -11.18 15.91 -17.44
N ASP A 320 -12.24 15.23 -17.90
CA ASP A 320 -13.38 14.86 -17.06
C ASP A 320 -14.02 16.08 -16.40
N MET B 1 5.56 0.12 16.71
CA MET B 1 5.84 0.38 15.29
C MET B 1 5.99 -0.93 14.53
N GLU B 2 4.91 -1.35 13.86
CA GLU B 2 4.80 -2.67 13.28
C GLU B 2 4.95 -2.63 11.77
N PRO B 3 5.30 -3.77 11.15
CA PRO B 3 5.45 -3.81 9.69
C PRO B 3 4.10 -3.83 8.98
N LEU B 4 4.16 -3.56 7.69
CA LEU B 4 3.01 -3.61 6.79
C LEU B 4 3.39 -4.39 5.54
N SER B 5 2.38 -4.67 4.72
CA SER B 5 2.53 -5.54 3.54
C SER B 5 2.41 -4.71 2.27
N ILE B 6 3.48 -4.66 1.49
CA ILE B 6 3.44 -4.02 0.19
C ILE B 6 3.60 -5.09 -0.89
N LEU B 7 3.41 -4.68 -2.15
CA LEU B 7 3.48 -5.56 -3.30
C LEU B 7 4.57 -5.09 -4.25
N VAL B 8 5.36 -6.04 -4.75
CA VAL B 8 6.33 -5.79 -5.81
C VAL B 8 5.95 -6.66 -7.01
N ARG B 9 5.88 -6.05 -8.19
CA ARG B 9 5.53 -6.74 -9.41
C ARG B 9 6.73 -6.84 -10.34
N ASN B 10 6.94 -8.02 -10.92
CA ASN B 10 8.09 -8.26 -11.78
C ASN B 10 7.76 -7.96 -13.24
N ASN B 11 8.74 -8.25 -14.11
CA ASN B 11 8.59 -8.02 -15.56
C ASN B 11 7.42 -8.79 -16.15
N LYS B 12 7.08 -9.95 -15.57
CA LYS B 12 6.04 -10.80 -16.12
C LYS B 12 4.63 -10.41 -15.68
N GLY B 13 4.50 -9.47 -14.75
CA GLY B 13 3.21 -9.05 -14.25
C GLY B 13 2.76 -9.71 -12.97
N ARG B 14 3.64 -10.40 -12.26
CA ARG B 14 3.30 -11.13 -11.05
C ARG B 14 3.61 -10.30 -9.82
N SER B 15 2.62 -10.13 -8.94
CA SER B 15 2.78 -9.38 -7.70
C SER B 15 3.02 -10.34 -6.54
N SER B 16 4.03 -10.05 -5.73
CA SER B 16 4.32 -10.82 -4.52
C SER B 16 4.27 -9.89 -3.31
N THR B 17 3.90 -10.46 -2.16
CA THR B 17 3.77 -9.69 -0.92
C THR B 17 5.12 -9.62 -0.21
N TYR B 18 5.37 -8.49 0.45
CA TYR B 18 6.58 -8.31 1.23
C TYR B 18 6.22 -7.59 2.52
N GLU B 19 6.61 -8.17 3.65
CA GLU B 19 6.47 -7.51 4.94
C GLU B 19 7.62 -6.54 5.13
N VAL B 20 7.32 -5.25 5.24
CA VAL B 20 8.33 -4.22 5.34
C VAL B 20 7.99 -3.28 6.50
N ARG B 21 8.98 -2.51 6.90
CA ARG B 21 8.79 -1.41 7.84
C ARG B 21 9.12 -0.12 7.11
N LEU B 22 8.32 0.93 7.37
CA LEU B 22 8.59 2.21 6.73
C LEU B 22 9.94 2.80 7.10
N THR B 23 10.57 2.29 8.16
CA THR B 23 11.91 2.77 8.55
C THR B 23 13.03 2.05 7.82
N GLN B 24 12.77 0.90 7.20
CA GLN B 24 13.78 0.17 6.47
C GLN B 24 14.11 0.89 5.16
N THR B 25 15.31 0.61 4.63
CA THR B 25 15.77 1.25 3.41
C THR B 25 15.20 0.56 2.17
N VAL B 26 15.25 1.28 1.05
CA VAL B 26 14.96 0.68 -0.25
C VAL B 26 15.95 -0.43 -0.55
N ALA B 27 17.21 -0.26 -0.15
CA ALA B 27 18.20 -1.32 -0.33
C ALA B 27 17.79 -2.58 0.40
N HIS B 28 17.15 -2.45 1.57
CA HIS B 28 16.69 -3.62 2.31
C HIS B 28 15.54 -4.30 1.59
N LEU B 29 14.63 -3.52 1.00
CA LEU B 29 13.55 -4.13 0.22
C LEU B 29 14.10 -4.80 -1.04
N LYS B 30 15.08 -4.17 -1.70
CA LYS B 30 15.68 -4.77 -2.88
C LYS B 30 16.30 -6.12 -2.56
N GLN B 31 16.78 -6.32 -1.33
CA GLN B 31 17.31 -7.62 -0.95
C GLN B 31 16.21 -8.65 -0.79
N GLN B 32 15.06 -8.23 -0.25
CA GLN B 32 13.92 -9.13 -0.15
C GLN B 32 13.44 -9.56 -1.53
N VAL B 33 13.31 -8.60 -2.45
CA VAL B 33 12.88 -8.92 -3.81
C VAL B 33 13.89 -9.82 -4.49
N SER B 34 15.18 -9.51 -4.33
CA SER B 34 16.23 -10.35 -4.91
C SER B 34 16.12 -11.79 -4.45
N GLY B 35 15.82 -12.00 -3.17
CA GLY B 35 15.68 -13.36 -2.67
C GLY B 35 14.46 -14.08 -3.22
N LEU B 36 13.33 -13.38 -3.29
CA LEU B 36 12.10 -14.02 -3.77
C LEU B 36 12.14 -14.24 -5.27
N GLU B 37 12.66 -13.27 -6.03
CA GLU B 37 12.65 -13.36 -7.49
C GLU B 37 13.83 -14.14 -8.05
N GLY B 38 14.97 -14.15 -7.35
CA GLY B 38 16.15 -14.82 -7.87
C GLY B 38 16.96 -13.99 -8.84
N VAL B 39 17.02 -12.67 -8.63
CA VAL B 39 17.75 -11.76 -9.50
C VAL B 39 18.59 -10.84 -8.61
N GLN B 40 19.86 -10.66 -8.96
CA GLN B 40 20.77 -9.89 -8.13
C GLN B 40 20.37 -8.42 -8.07
N ASP B 41 20.87 -7.73 -7.03
CA ASP B 41 20.40 -6.37 -6.72
C ASP B 41 20.73 -5.38 -7.83
N ASP B 42 21.91 -5.51 -8.42
CA ASP B 42 22.35 -4.56 -9.44
C ASP B 42 21.78 -4.87 -10.83
N LEU B 43 20.81 -5.77 -10.93
CA LEU B 43 20.16 -6.08 -12.19
C LEU B 43 18.78 -5.46 -12.32
N PHE B 44 18.25 -4.86 -11.26
CA PHE B 44 16.93 -4.24 -11.31
C PHE B 44 16.88 -3.04 -10.38
N TRP B 45 15.93 -2.16 -10.65
CA TRP B 45 15.63 -1.01 -9.81
C TRP B 45 14.13 -0.91 -9.63
N LEU B 46 13.71 -0.25 -8.55
CA LEU B 46 12.31 -0.20 -8.15
C LEU B 46 11.71 1.17 -8.42
N THR B 47 10.46 1.19 -8.86
CA THR B 47 9.70 2.42 -9.03
C THR B 47 8.38 2.32 -8.28
N PHE B 48 7.90 3.45 -7.79
CA PHE B 48 6.58 3.57 -7.20
C PHE B 48 5.93 4.80 -7.77
N GLU B 49 4.75 4.63 -8.37
CA GLU B 49 4.02 5.73 -9.00
C GLU B 49 4.91 6.51 -9.97
N GLY B 50 5.71 5.77 -10.75
CA GLY B 50 6.56 6.37 -11.75
C GLY B 50 7.82 7.02 -11.23
N LYS B 51 8.12 6.91 -9.94
CA LYS B 51 9.31 7.51 -9.37
C LYS B 51 10.30 6.43 -8.94
N PRO B 52 11.58 6.62 -9.18
CA PRO B 52 12.57 5.64 -8.72
C PRO B 52 12.71 5.67 -7.21
N LEU B 53 13.07 4.52 -6.64
CA LEU B 53 13.33 4.40 -5.20
C LEU B 53 14.84 4.41 -4.98
N GLU B 54 15.32 5.46 -4.30
CA GLU B 54 16.75 5.57 -4.00
C GLU B 54 17.13 4.58 -2.91
N ASP B 55 18.26 3.89 -3.11
CA ASP B 55 18.60 2.73 -2.28
C ASP B 55 18.74 3.10 -0.80
N GLN B 56 19.39 4.22 -0.51
CA GLN B 56 19.70 4.57 0.88
C GLN B 56 18.56 5.31 1.58
N LEU B 57 17.41 5.50 0.92
CA LEU B 57 16.34 6.20 1.60
C LEU B 57 15.38 5.21 2.26
N PRO B 58 14.70 5.62 3.33
CA PRO B 58 13.69 4.75 3.95
C PRO B 58 12.40 4.75 3.16
N LEU B 59 11.70 3.60 3.23
CA LEU B 59 10.46 3.43 2.48
C LEU B 59 9.41 4.45 2.87
N GLY B 60 9.40 4.90 4.13
CA GLY B 60 8.43 5.87 4.57
C GLY B 60 8.46 7.17 3.80
N GLU B 61 9.57 7.48 3.13
CA GLU B 61 9.68 8.70 2.36
C GLU B 61 8.94 8.64 1.03
N TYR B 62 8.36 7.50 0.67
CA TYR B 62 7.64 7.37 -0.58
C TYR B 62 6.14 7.18 -0.41
N GLY B 63 5.63 7.25 0.82
CA GLY B 63 4.19 7.15 1.01
C GLY B 63 3.63 5.78 0.71
N LEU B 64 4.39 4.73 0.95
CA LEU B 64 3.86 3.38 0.78
C LEU B 64 2.82 3.07 1.86
N LYS B 65 1.71 2.47 1.45
CA LYS B 65 0.63 2.04 2.32
C LYS B 65 0.45 0.53 2.15
N PRO B 66 -0.37 -0.13 2.97
CA PRO B 66 -0.60 -1.56 2.74
C PRO B 66 -1.13 -1.82 1.33
N LEU B 67 -0.57 -2.86 0.70
CA LEU B 67 -0.92 -3.31 -0.64
C LEU B 67 -0.58 -2.27 -1.73
N SER B 68 0.34 -1.35 -1.43
CA SER B 68 0.92 -0.51 -2.47
C SER B 68 1.69 -1.38 -3.45
N THR B 69 1.68 -0.99 -4.73
CA THR B 69 2.30 -1.75 -5.80
C THR B 69 3.58 -1.05 -6.24
N VAL B 70 4.73 -1.67 -5.92
CA VAL B 70 6.03 -1.24 -6.41
C VAL B 70 6.37 -2.05 -7.65
N PHE B 71 6.96 -1.40 -8.65
CA PHE B 71 7.30 -2.06 -9.90
C PHE B 71 8.79 -2.37 -9.96
N MET B 72 9.10 -3.60 -10.38
CA MET B 72 10.45 -4.04 -10.65
C MET B 72 10.82 -3.66 -12.08
N ASN B 73 11.93 -2.95 -12.25
CA ASN B 73 12.40 -2.51 -13.56
C ASN B 73 13.76 -3.12 -13.83
N LEU B 74 13.92 -3.75 -14.98
CA LEU B 74 15.22 -4.26 -15.38
C LEU B 74 16.19 -3.08 -15.57
N ARG B 75 17.42 -3.27 -15.09
CA ARG B 75 18.45 -2.25 -15.22
C ARG B 75 19.29 -2.58 -16.45
N LEU B 76 19.08 -1.82 -17.52
CA LEU B 76 19.77 -2.07 -18.77
C LEU B 76 21.26 -1.82 -18.62
N ARG B 77 22.02 -2.39 -19.55
CA ARG B 77 23.47 -2.23 -19.57
C ARG B 77 23.84 -1.74 -20.97
N GLY B 78 23.93 -0.42 -21.13
CA GLY B 78 24.37 0.18 -22.37
C GLY B 78 25.61 1.03 -22.18
N LEU C 2 -0.52 -20.19 -31.41
CA LEU C 2 -0.18 -19.35 -30.28
C LEU C 2 -1.37 -19.10 -29.37
N THR C 3 -2.31 -20.05 -29.33
CA THR C 3 -3.54 -19.89 -28.57
C THR C 3 -3.69 -21.01 -27.55
N ILE C 4 -4.25 -20.67 -26.39
CA ILE C 4 -4.57 -21.62 -25.34
C ILE C 4 -6.05 -21.48 -25.00
N GLU C 5 -6.60 -22.51 -24.37
CA GLU C 5 -7.95 -22.47 -23.85
C GLU C 5 -7.95 -22.89 -22.39
N VAL C 6 -8.70 -22.16 -21.58
CA VAL C 6 -8.75 -22.38 -20.14
C VAL C 6 -10.19 -22.60 -19.71
N LEU C 7 -10.34 -23.13 -18.51
CA LEU C 7 -11.65 -23.38 -17.91
C LEU C 7 -11.88 -22.33 -16.82
N VAL C 8 -12.99 -21.59 -16.93
CA VAL C 8 -13.32 -20.51 -16.03
C VAL C 8 -14.44 -20.98 -15.10
N THR C 9 -14.24 -20.80 -13.80
CA THR C 9 -15.22 -21.29 -12.84
C THR C 9 -15.31 -20.34 -11.65
N VAL C 10 -16.42 -20.46 -10.93
CA VAL C 10 -16.66 -19.70 -9.71
C VAL C 10 -16.84 -20.68 -8.56
N ASP C 11 -17.39 -21.85 -8.85
CA ASP C 11 -17.70 -22.84 -7.82
C ASP C 11 -16.85 -24.10 -7.91
N GLY C 12 -15.98 -24.22 -8.91
CA GLY C 12 -15.21 -25.44 -9.09
C GLY C 12 -15.98 -26.64 -9.58
N VAL C 13 -17.29 -26.50 -9.84
CA VAL C 13 -18.10 -27.58 -10.37
C VAL C 13 -18.59 -27.28 -11.78
N ASN C 14 -18.99 -26.04 -12.03
CA ASN C 14 -19.41 -25.61 -13.36
C ASN C 14 -18.29 -24.82 -14.01
N PHE C 15 -18.01 -25.12 -15.28
CA PHE C 15 -16.87 -24.54 -15.98
C PHE C 15 -17.32 -23.97 -17.32
N ARG C 16 -16.63 -22.90 -17.73
CA ARG C 16 -16.84 -22.28 -19.02
C ARG C 16 -15.52 -22.28 -19.77
N THR C 17 -15.54 -22.71 -21.03
CA THR C 17 -14.34 -22.72 -21.85
C THR C 17 -14.10 -21.35 -22.47
N VAL C 18 -12.87 -20.85 -22.34
CA VAL C 18 -12.47 -19.56 -22.91
C VAL C 18 -11.19 -19.78 -23.69
N VAL C 19 -11.16 -19.31 -24.95
CA VAL C 19 -9.96 -19.36 -25.78
C VAL C 19 -9.22 -18.03 -25.65
N LEU C 20 -7.90 -18.11 -25.49
CA LEU C 20 -7.08 -16.92 -25.26
C LEU C 20 -5.88 -16.92 -26.21
N ASN C 21 -5.30 -15.74 -26.39
CA ASN C 21 -4.07 -15.58 -27.15
C ASN C 21 -2.96 -15.14 -26.21
N ASN C 22 -1.72 -15.28 -26.69
CA ASN C 22 -0.54 -14.90 -25.93
C ASN C 22 -0.03 -13.52 -26.32
N LYS C 23 -0.93 -12.62 -26.73
CA LYS C 23 -0.56 -11.26 -27.11
C LYS C 23 -0.98 -10.22 -26.09
N ASN C 24 -2.04 -10.46 -25.32
CA ASN C 24 -2.54 -9.51 -24.35
C ASN C 24 -2.68 -10.19 -22.99
N THR C 25 -2.80 -9.37 -21.96
CA THR C 25 -2.93 -9.89 -20.61
C THR C 25 -4.29 -10.55 -20.39
N TYR C 26 -4.36 -11.34 -19.32
CA TYR C 26 -5.63 -11.91 -18.89
C TYR C 26 -6.66 -10.82 -18.61
N ARG C 27 -6.21 -9.68 -18.07
CA ARG C 27 -7.13 -8.61 -17.69
C ARG C 27 -7.84 -8.02 -18.91
N SER C 28 -7.11 -7.85 -20.02
CA SER C 28 -7.71 -7.24 -21.20
C SER C 28 -8.56 -8.24 -21.99
N GLN C 29 -8.19 -9.51 -22.00
CA GLN C 29 -8.93 -10.51 -22.76
C GLN C 29 -10.13 -11.07 -22.03
N LEU C 30 -10.10 -11.11 -20.69
CA LEU C 30 -11.12 -11.82 -19.94
C LEU C 30 -11.55 -11.05 -18.70
N GLY C 31 -10.57 -10.70 -17.87
CA GLY C 31 -10.83 -10.08 -16.59
C GLY C 31 -9.76 -10.53 -15.60
N CYS C 32 -10.03 -10.32 -14.32
CA CYS C 32 -9.10 -10.72 -13.27
C CYS C 32 -9.38 -12.17 -12.88
N VAL C 33 -8.32 -12.98 -12.85
CA VAL C 33 -8.43 -14.41 -12.62
C VAL C 33 -7.34 -14.83 -11.63
N PHE C 34 -7.59 -15.94 -10.93
CA PHE C 34 -6.64 -16.48 -9.96
C PHE C 34 -6.33 -17.92 -10.33
N PHE C 35 -5.04 -18.24 -10.38
CA PHE C 35 -4.56 -19.58 -10.68
C PHE C 35 -3.82 -20.12 -9.47
N ASN C 36 -4.38 -21.17 -8.87
CA ASN C 36 -3.80 -21.80 -7.68
C ASN C 36 -3.59 -20.79 -6.56
N GLY C 37 -4.59 -19.92 -6.37
CA GLY C 37 -4.56 -18.93 -5.31
C GLY C 37 -3.76 -17.69 -5.59
N ALA C 38 -3.10 -17.59 -6.75
CA ALA C 38 -2.29 -16.44 -7.09
C ALA C 38 -2.97 -15.61 -8.17
N ASP C 39 -2.92 -14.29 -8.01
CA ASP C 39 -3.47 -13.39 -9.01
C ASP C 39 -2.61 -13.43 -10.27
N ILE C 40 -3.23 -13.68 -11.41
CA ILE C 40 -2.56 -13.88 -12.69
C ILE C 40 -3.02 -12.87 -13.74
N SER C 41 -3.87 -11.92 -13.34
CA SER C 41 -4.56 -11.05 -14.29
C SER C 41 -3.60 -10.25 -15.15
N ASP C 42 -2.50 -9.78 -14.57
CA ASP C 42 -1.58 -8.89 -15.27
C ASP C 42 -0.46 -9.61 -16.00
N THR C 43 -0.55 -10.93 -16.11
CA THR C 43 0.39 -11.70 -16.92
C THR C 43 -0.25 -12.07 -18.25
N ILE C 44 0.60 -12.42 -19.22
CA ILE C 44 0.15 -12.83 -20.54
C ILE C 44 0.00 -14.36 -20.53
N PRO C 45 -1.11 -14.89 -21.04
CA PRO C 45 -1.28 -16.36 -21.04
C PRO C 45 -0.20 -17.05 -21.85
N ASP C 46 0.19 -18.23 -21.36
CA ASP C 46 1.16 -19.09 -22.02
C ASP C 46 0.71 -20.53 -21.86
N GLU C 47 1.42 -21.45 -22.52
CA GLU C 47 1.09 -22.87 -22.35
C GLU C 47 1.69 -23.38 -21.04
N LYS C 48 1.04 -23.01 -19.95
CA LYS C 48 1.27 -23.60 -18.64
C LYS C 48 -0.01 -23.75 -17.82
N GLN C 49 -1.03 -22.94 -18.07
CA GLN C 49 -2.37 -23.18 -17.58
C GLN C 49 -3.33 -23.53 -18.72
N ASN C 50 -2.80 -23.95 -19.86
CA ASN C 50 -3.63 -24.47 -20.93
C ASN C 50 -4.31 -25.75 -20.47
N GLY C 51 -5.65 -25.75 -20.50
CA GLY C 51 -6.41 -26.85 -19.96
C GLY C 51 -6.65 -26.79 -18.46
N HIS C 52 -6.02 -25.85 -17.75
CA HIS C 52 -6.20 -25.72 -16.32
C HIS C 52 -7.38 -24.80 -16.01
N SER C 53 -7.91 -24.95 -14.80
CA SER C 53 -9.05 -24.14 -14.36
C SER C 53 -8.57 -22.86 -13.70
N LEU C 54 -9.29 -21.78 -13.96
CA LEU C 54 -9.02 -20.47 -13.39
C LEU C 54 -10.24 -19.97 -12.66
N TYR C 55 -10.01 -19.17 -11.61
CA TYR C 55 -11.08 -18.63 -10.78
C TYR C 55 -11.28 -17.16 -11.14
N LEU C 56 -12.32 -16.90 -11.92
CA LEU C 56 -12.60 -15.56 -12.41
C LEU C 56 -13.25 -14.72 -11.31
N ALA C 57 -12.87 -13.44 -11.26
CA ALA C 57 -13.38 -12.50 -10.28
C ALA C 57 -14.05 -11.28 -10.90
N ASP C 58 -13.47 -10.74 -11.97
CA ASP C 58 -14.07 -9.68 -12.75
C ASP C 58 -15.11 -10.23 -13.72
N ASN C 59 -15.94 -9.32 -14.24
CA ASN C 59 -16.77 -9.54 -15.44
C ASN C 59 -17.38 -10.93 -15.49
N LEU C 60 -18.11 -11.30 -14.44
CA LEU C 60 -18.71 -12.62 -14.42
C LEU C 60 -19.95 -12.67 -15.29
N THR C 61 -20.19 -13.84 -15.87
CA THR C 61 -21.35 -14.06 -16.70
C THR C 61 -22.61 -14.21 -15.85
N ALA C 62 -23.77 -14.21 -16.52
CA ALA C 62 -25.04 -14.32 -15.80
C ALA C 62 -25.13 -15.63 -15.01
N ASP C 63 -24.74 -16.74 -15.65
CA ASP C 63 -24.75 -18.03 -14.95
C ASP C 63 -23.78 -18.04 -13.78
N GLU C 64 -22.61 -17.42 -13.96
CA GLU C 64 -21.61 -17.39 -12.88
C GLU C 64 -22.08 -16.53 -11.72
N THR C 65 -22.76 -15.42 -12.01
CA THR C 65 -23.37 -14.62 -10.94
C THR C 65 -24.42 -15.42 -10.19
N LYS C 66 -25.19 -16.24 -10.91
CA LYS C 66 -26.16 -17.11 -10.25
C LYS C 66 -25.48 -18.07 -9.28
N ALA C 67 -24.42 -18.75 -9.74
CA ALA C 67 -23.66 -19.62 -8.85
C ALA C 67 -22.99 -18.85 -7.73
N LEU C 68 -22.56 -17.62 -7.99
CA LEU C 68 -21.96 -16.80 -6.95
C LEU C 68 -22.93 -16.58 -5.78
N LYS C 69 -24.17 -16.20 -6.09
CA LYS C 69 -25.14 -15.97 -5.03
C LYS C 69 -25.49 -17.27 -4.30
N GLU C 70 -25.41 -18.40 -4.99
CA GLU C 70 -25.68 -19.68 -4.33
C GLU C 70 -24.56 -20.05 -3.36
N LEU C 71 -23.32 -19.74 -3.73
CA LEU C 71 -22.18 -20.10 -2.90
C LEU C 71 -21.99 -19.15 -1.74
N TYR C 72 -22.10 -17.84 -1.98
CA TYR C 72 -21.71 -16.83 -1.01
C TYR C 72 -22.88 -16.00 -0.47
N GLY C 73 -24.11 -16.29 -0.89
CA GLY C 73 -25.25 -15.50 -0.49
C GLY C 73 -25.38 -14.26 -1.34
N PRO C 74 -26.31 -13.37 -0.97
CA PRO C 74 -26.52 -12.16 -1.77
C PRO C 74 -25.37 -11.17 -1.61
N VAL C 75 -24.38 -11.23 -2.50
CA VAL C 75 -23.19 -10.39 -2.36
C VAL C 75 -23.16 -9.37 -3.49
N ASP C 76 -22.37 -8.33 -3.26
CA ASP C 76 -22.09 -7.20 -4.12
C ASP C 76 -21.11 -7.61 -5.22
N PRO C 77 -21.18 -6.99 -6.40
CA PRO C 77 -20.30 -7.42 -7.51
C PRO C 77 -18.81 -7.32 -7.20
N THR C 78 -18.42 -6.44 -6.29
CA THR C 78 -17.01 -6.30 -5.92
C THR C 78 -16.57 -7.40 -4.94
N PHE C 79 -17.53 -8.13 -4.37
CA PHE C 79 -17.23 -9.08 -3.29
C PHE C 79 -16.19 -10.12 -3.71
N LEU C 80 -16.37 -10.74 -4.88
CA LEU C 80 -15.50 -11.85 -5.25
C LEU C 80 -14.05 -11.41 -5.45
N HIS C 81 -13.83 -10.22 -6.02
CA HIS C 81 -12.48 -9.71 -6.17
C HIS C 81 -11.85 -9.42 -4.80
N ARG C 82 -12.66 -8.93 -3.86
CA ARG C 82 -12.15 -8.62 -2.54
C ARG C 82 -11.76 -9.89 -1.79
N PHE C 83 -12.61 -10.91 -1.83
CA PHE C 83 -12.32 -12.15 -1.13
C PHE C 83 -11.05 -12.80 -1.68
N TYR C 84 -10.94 -12.91 -3.00
CA TYR C 84 -9.77 -13.57 -3.59
C TYR C 84 -8.49 -12.81 -3.26
N SER C 85 -8.54 -11.48 -3.29
CA SER C 85 -7.34 -10.70 -3.01
C SER C 85 -6.98 -10.76 -1.53
N LEU C 86 -7.98 -10.66 -0.65
CA LEU C 86 -7.72 -10.72 0.77
C LEU C 86 -7.15 -12.09 1.16
N LYS C 87 -7.67 -13.16 0.56
CA LYS C 87 -7.15 -14.49 0.87
C LYS C 87 -5.68 -14.61 0.51
N ALA C 88 -5.30 -14.12 -0.67
CA ALA C 88 -3.89 -14.15 -1.03
C ALA C 88 -3.06 -13.23 -0.14
N ALA C 89 -3.65 -12.14 0.33
CA ALA C 89 -2.89 -11.18 1.14
C ALA C 89 -2.55 -11.73 2.52
N VAL C 90 -3.40 -12.58 3.08
CA VAL C 90 -3.19 -13.10 4.43
C VAL C 90 -2.49 -14.47 4.40
N HIS C 91 -1.80 -14.80 3.30
CA HIS C 91 -1.16 -16.10 3.19
C HIS C 91 -0.10 -16.31 4.26
N GLY C 92 0.56 -15.23 4.70
CA GLY C 92 1.61 -15.33 5.70
C GLY C 92 1.16 -15.30 7.14
N TRP C 93 -0.10 -14.95 7.40
CA TRP C 93 -0.61 -14.93 8.77
C TRP C 93 -0.59 -16.34 9.36
N LYS C 94 -0.44 -16.42 10.68
CA LYS C 94 -0.33 -17.70 11.36
C LYS C 94 -1.23 -17.75 12.58
N MET C 95 -1.83 -18.93 12.81
CA MET C 95 -2.48 -19.24 14.07
C MET C 95 -1.49 -19.96 14.97
N VAL C 96 -1.33 -19.46 16.19
CA VAL C 96 -0.30 -19.92 17.11
C VAL C 96 -0.96 -20.50 18.35
N VAL C 97 -0.46 -21.64 18.82
CA VAL C 97 -1.00 -22.32 19.98
C VAL C 97 -0.49 -21.63 21.25
N CYS C 98 -1.39 -20.99 21.99
CA CYS C 98 -1.08 -20.37 23.28
C CYS C 98 -1.96 -21.01 24.34
N ASP C 99 -1.34 -21.70 25.30
CA ASP C 99 -2.05 -22.52 26.27
C ASP C 99 -3.13 -23.31 25.55
N LYS C 100 -2.72 -24.36 24.87
CA LYS C 100 -3.63 -25.38 24.37
C LYS C 100 -4.79 -24.88 23.49
N VAL C 101 -4.72 -23.62 23.03
CA VAL C 101 -5.70 -23.07 22.08
C VAL C 101 -4.98 -22.18 21.07
N ARG C 102 -5.68 -21.83 20.00
CA ARG C 102 -5.11 -21.12 18.87
C ARG C 102 -5.47 -19.64 18.90
N SER C 103 -4.48 -18.80 18.59
CA SER C 103 -4.62 -17.35 18.60
C SER C 103 -3.94 -16.78 17.36
N LEU C 104 -4.50 -15.71 16.81
CA LEU C 104 -3.99 -15.12 15.58
C LEU C 104 -2.78 -14.25 15.86
N LYS C 105 -1.63 -14.62 15.31
CA LYS C 105 -0.41 -13.84 15.52
C LYS C 105 -0.54 -12.44 14.94
N LEU C 106 0.05 -11.47 15.64
CA LEU C 106 -0.07 -10.08 15.22
C LEU C 106 0.57 -9.84 13.87
N SER C 107 -0.21 -9.29 12.95
CA SER C 107 0.28 -9.00 11.60
C SER C 107 -0.69 -8.04 10.93
N ASP C 108 -0.18 -6.91 10.43
CA ASP C 108 -0.96 -5.98 9.60
C ASP C 108 -2.27 -5.56 10.27
N ASN C 109 -2.18 -5.19 11.54
CA ASN C 109 -3.29 -4.63 12.30
C ASN C 109 -4.49 -5.59 12.37
N ASN C 110 -4.21 -6.89 12.48
CA ASN C 110 -5.28 -7.88 12.53
C ASN C 110 -5.72 -8.22 13.94
N CYS C 111 -5.37 -7.40 14.93
CA CYS C 111 -5.68 -7.74 16.32
C CYS C 111 -7.19 -7.81 16.55
N TYR C 112 -7.95 -6.94 15.88
CA TYR C 112 -9.40 -7.04 15.97
C TYR C 112 -9.90 -8.39 15.44
N LEU C 113 -9.22 -8.94 14.44
CA LEU C 113 -9.60 -10.26 13.92
C LEU C 113 -9.32 -11.35 14.95
N ASN C 114 -8.22 -11.21 15.71
CA ASN C 114 -7.93 -12.17 16.76
C ASN C 114 -9.04 -12.21 17.80
N ALA C 115 -9.55 -11.03 18.18
CA ALA C 115 -10.67 -10.98 19.11
C ALA C 115 -11.91 -11.64 18.53
N VAL C 116 -12.22 -11.37 17.26
CA VAL C 116 -13.42 -11.94 16.64
C VAL C 116 -13.31 -13.45 16.55
N ILE C 117 -12.19 -13.95 16.03
CA ILE C 117 -12.05 -15.39 15.82
C ILE C 117 -12.02 -16.15 17.13
N MET C 118 -11.23 -15.66 18.11
CA MET C 118 -11.14 -16.35 19.39
C MET C 118 -12.45 -16.31 20.15
N THR C 119 -13.26 -15.27 19.98
CA THR C 119 -14.59 -15.27 20.57
C THR C 119 -15.49 -16.29 19.88
N LEU C 120 -15.47 -16.32 18.53
CA LEU C 120 -16.25 -17.29 17.80
C LEU C 120 -15.87 -18.72 18.18
N ASP C 121 -14.59 -18.96 18.43
CA ASP C 121 -14.13 -20.30 18.77
C ASP C 121 -14.71 -20.81 20.08
N LEU C 122 -15.26 -19.91 20.91
CA LEU C 122 -15.88 -20.35 22.16
C LEU C 122 -17.34 -20.76 21.94
N LEU C 123 -17.99 -20.24 20.90
CA LEU C 123 -19.36 -20.59 20.56
C LEU C 123 -19.32 -21.86 19.72
N LYS C 124 -19.41 -23.01 20.39
CA LYS C 124 -19.26 -24.31 19.74
C LYS C 124 -20.61 -24.95 19.37
N ASP C 125 -21.64 -24.13 19.19
CA ASP C 125 -22.96 -24.63 18.78
C ASP C 125 -23.54 -23.82 17.63
N ILE C 126 -22.71 -23.07 16.92
CA ILE C 126 -23.17 -22.22 15.83
C ILE C 126 -22.80 -22.87 14.50
N LYS C 127 -23.59 -22.56 13.48
CA LYS C 127 -23.30 -22.98 12.12
C LYS C 127 -23.71 -21.84 11.18
N PHE C 128 -23.10 -21.83 10.01
CA PHE C 128 -23.38 -20.81 9.00
C PHE C 128 -24.26 -21.40 7.91
N VAL C 129 -25.26 -20.61 7.49
CA VAL C 129 -26.21 -21.07 6.48
C VAL C 129 -25.59 -20.99 5.09
N ILE C 130 -24.77 -19.99 4.83
CA ILE C 130 -24.17 -19.81 3.51
C ILE C 130 -23.11 -20.89 3.29
N PRO C 131 -23.16 -21.64 2.18
CA PRO C 131 -22.27 -22.80 2.03
C PRO C 131 -20.78 -22.49 2.08
N ALA C 132 -20.35 -21.40 1.43
CA ALA C 132 -18.92 -21.09 1.43
C ALA C 132 -18.43 -20.64 2.81
N LEU C 133 -19.29 -19.95 3.57
CA LEU C 133 -18.90 -19.51 4.90
C LEU C 133 -18.81 -20.69 5.86
N GLN C 134 -19.75 -21.62 5.78
CA GLN C 134 -19.72 -22.80 6.66
C GLN C 134 -18.52 -23.69 6.32
N HIS C 135 -18.22 -23.84 5.03
CA HIS C 135 -17.06 -24.64 4.63
C HIS C 135 -15.76 -24.05 5.17
N ALA C 136 -15.57 -22.74 5.00
CA ALA C 136 -14.38 -22.10 5.54
C ALA C 136 -14.34 -22.21 7.07
N PHE C 137 -15.50 -22.14 7.72
CA PHE C 137 -15.56 -22.22 9.18
C PHE C 137 -15.06 -23.57 9.67
N MET C 138 -15.48 -24.66 9.02
CA MET C 138 -15.03 -25.99 9.43
C MET C 138 -13.61 -26.28 8.99
N LYS C 139 -13.16 -25.67 7.89
CA LYS C 139 -11.74 -25.70 7.57
C LYS C 139 -10.93 -24.97 8.63
N HIS C 140 -11.48 -23.87 9.17
CA HIS C 140 -10.81 -23.17 10.25
C HIS C 140 -10.72 -24.03 11.49
N LYS C 141 -11.85 -24.62 11.91
CA LYS C 141 -11.85 -25.50 13.08
C LYS C 141 -10.99 -26.74 12.86
N GLY C 142 -10.66 -27.06 11.62
CA GLY C 142 -9.76 -28.16 11.31
C GLY C 142 -8.31 -27.79 11.21
N GLY C 143 -7.97 -26.50 11.34
CA GLY C 143 -6.59 -26.05 11.33
C GLY C 143 -6.21 -25.13 10.19
N ASP C 144 -7.08 -24.87 9.22
CA ASP C 144 -6.76 -24.02 8.07
C ASP C 144 -7.72 -22.83 8.08
N SER C 145 -7.23 -21.69 8.57
CA SER C 145 -8.07 -20.52 8.81
C SER C 145 -7.98 -19.46 7.71
N THR C 146 -7.19 -19.68 6.67
CA THR C 146 -7.00 -18.65 5.65
C THR C 146 -8.31 -18.26 4.99
N ASP C 147 -9.11 -19.25 4.59
CA ASP C 147 -10.37 -18.98 3.92
C ASP C 147 -11.33 -18.22 4.84
N PHE C 148 -11.48 -18.69 6.08
CA PHE C 148 -12.43 -18.08 7.01
C PHE C 148 -12.03 -16.64 7.33
N ILE C 149 -10.74 -16.41 7.56
CA ILE C 149 -10.26 -15.05 7.85
C ILE C 149 -10.61 -14.11 6.71
N ALA C 150 -10.31 -14.52 5.48
CA ALA C 150 -10.54 -13.65 4.32
C ALA C 150 -12.02 -13.42 4.07
N LEU C 151 -12.86 -14.43 4.30
CA LEU C 151 -14.28 -14.29 4.01
C LEU C 151 -14.96 -13.32 4.98
N ILE C 152 -14.65 -13.42 6.28
CA ILE C 152 -15.28 -12.49 7.21
C ILE C 152 -14.74 -11.09 7.00
N MET C 153 -13.47 -10.97 6.59
CA MET C 153 -12.96 -9.65 6.19
C MET C 153 -13.73 -9.12 4.97
N ALA C 154 -14.06 -10.02 4.03
CA ALA C 154 -14.83 -9.61 2.86
C ALA C 154 -16.27 -9.27 3.24
N TYR C 155 -16.92 -10.12 4.04
CA TYR C 155 -18.29 -9.82 4.45
C TYR C 155 -18.35 -8.57 5.33
N GLY C 156 -17.31 -8.30 6.11
CA GLY C 156 -17.32 -7.15 6.99
C GLY C 156 -16.91 -5.84 6.37
N ASN C 157 -16.51 -5.84 5.10
CA ASN C 157 -16.00 -4.64 4.43
C ASN C 157 -14.78 -4.09 5.15
N CYS C 158 -13.89 -4.99 5.55
CA CYS C 158 -12.63 -4.61 6.18
C CYS C 158 -11.58 -4.39 5.10
N THR C 159 -10.79 -3.35 5.27
CA THR C 159 -9.71 -3.07 4.34
C THR C 159 -8.40 -3.61 4.91
N PHE C 160 -7.61 -4.23 4.04
CA PHE C 160 -6.43 -4.96 4.49
C PHE C 160 -5.44 -4.03 5.19
N GLY C 161 -4.88 -4.50 6.30
CA GLY C 161 -3.85 -3.77 7.02
C GLY C 161 -4.34 -2.58 7.81
N ALA C 162 -5.65 -2.41 7.94
CA ALA C 162 -6.22 -1.30 8.68
C ALA C 162 -6.90 -1.78 9.97
N PRO C 163 -6.84 -0.99 11.03
CA PRO C 163 -7.60 -1.33 12.24
C PRO C 163 -9.10 -1.23 12.00
N ASP C 164 -9.86 -1.97 12.80
CA ASP C 164 -11.30 -2.02 12.63
C ASP C 164 -11.95 -2.35 13.98
N ASP C 165 -13.27 -2.58 13.94
CA ASP C 165 -14.09 -2.74 15.15
C ASP C 165 -14.42 -4.21 15.35
N ALA C 166 -13.91 -4.79 16.44
CA ALA C 166 -14.16 -6.20 16.72
C ALA C 166 -15.64 -6.46 17.00
N SER C 167 -16.29 -5.58 17.76
CA SER C 167 -17.69 -5.78 18.08
C SER C 167 -18.57 -5.77 16.84
N ARG C 168 -18.38 -4.76 15.98
CA ARG C 168 -19.16 -4.68 14.75
C ARG C 168 -18.96 -5.93 13.90
N LEU C 169 -17.71 -6.35 13.71
CA LEU C 169 -17.45 -7.53 12.88
C LEU C 169 -18.00 -8.80 13.52
N LEU C 170 -17.82 -8.95 14.83
CA LEU C 170 -18.29 -10.13 15.53
C LEU C 170 -19.80 -10.29 15.39
N HIS C 171 -20.56 -9.19 15.57
CA HIS C 171 -22.02 -9.28 15.48
C HIS C 171 -22.50 -9.34 14.04
N THR C 172 -21.77 -8.73 13.10
CA THR C 172 -22.10 -8.89 11.69
C THR C 172 -21.95 -10.33 11.24
N VAL C 173 -20.89 -11.00 11.70
CA VAL C 173 -20.69 -12.41 11.35
C VAL C 173 -21.80 -13.27 11.94
N LEU C 174 -22.15 -13.04 13.20
CA LEU C 174 -23.17 -13.84 13.85
C LEU C 174 -24.55 -13.62 13.24
N ALA C 175 -24.76 -12.50 12.55
CA ALA C 175 -26.01 -12.31 11.82
C ALA C 175 -26.15 -13.30 10.67
N LYS C 176 -25.05 -13.89 10.21
CA LYS C 176 -25.07 -14.87 9.13
C LYS C 176 -25.04 -16.30 9.63
N ALA C 177 -25.17 -16.51 10.93
CA ALA C 177 -25.07 -17.84 11.52
C ALA C 177 -26.41 -18.22 12.15
N GLU C 178 -26.50 -19.48 12.58
CA GLU C 178 -27.69 -19.96 13.27
C GLU C 178 -27.27 -20.92 14.38
N LEU C 179 -28.17 -21.10 15.34
CA LEU C 179 -27.92 -21.93 16.50
C LEU C 179 -28.32 -23.37 16.22
N CYS C 180 -27.52 -24.30 16.73
CA CYS C 180 -27.81 -25.73 16.57
C CYS C 180 -28.64 -26.30 17.70
N CYS C 181 -29.09 -25.46 18.63
CA CYS C 181 -30.03 -25.84 19.66
C CYS C 181 -31.09 -24.75 19.73
N SER C 182 -32.02 -24.88 20.69
CA SER C 182 -33.06 -23.89 20.84
C SER C 182 -32.58 -22.76 21.75
N ALA C 183 -33.19 -21.58 21.55
CA ALA C 183 -32.98 -20.44 22.42
C ALA C 183 -34.16 -19.50 22.22
N ARG C 184 -34.48 -18.73 23.26
CA ARG C 184 -35.71 -17.94 23.21
C ARG C 184 -35.55 -16.70 24.07
N MET C 185 -36.13 -15.59 23.58
CA MET C 185 -36.05 -14.29 24.22
C MET C 185 -37.39 -13.61 24.05
N VAL C 186 -38.04 -13.26 25.16
CA VAL C 186 -39.37 -12.65 25.12
C VAL C 186 -39.29 -11.26 25.73
N TRP C 187 -39.56 -10.24 24.93
CA TRP C 187 -39.63 -8.86 25.37
C TRP C 187 -41.08 -8.46 25.59
N ARG C 188 -41.33 -7.71 26.65
CA ARG C 188 -42.66 -7.17 26.92
C ARG C 188 -42.62 -5.67 26.64
N GLU C 189 -43.50 -5.21 25.76
CA GLU C 189 -43.60 -3.81 25.41
C GLU C 189 -44.98 -3.29 25.80
N TRP C 190 -45.03 -2.07 26.35
CA TRP C 190 -46.32 -1.50 26.70
C TRP C 190 -46.28 0.02 26.62
N CYS C 191 -47.45 0.60 26.41
CA CYS C 191 -47.65 2.04 26.33
C CYS C 191 -49.03 2.33 26.90
N ASN C 192 -49.13 3.36 27.76
CA ASN C 192 -50.37 3.61 28.46
C ASN C 192 -51.54 3.89 27.51
N VAL C 193 -51.25 4.35 26.30
CA VAL C 193 -52.30 4.67 25.33
C VAL C 193 -52.49 3.54 24.33
N CYS C 194 -51.42 2.84 23.96
CA CYS C 194 -51.48 1.84 22.91
C CYS C 194 -51.75 0.43 23.44
N GLY C 195 -51.24 0.09 24.60
CA GLY C 195 -51.47 -1.21 25.20
C GLY C 195 -50.18 -1.99 25.35
N ILE C 196 -50.33 -3.30 25.55
CA ILE C 196 -49.21 -4.19 25.86
C ILE C 196 -49.10 -5.27 24.79
N LYS C 197 -47.87 -5.70 24.52
CA LYS C 197 -47.60 -6.69 23.50
C LYS C 197 -46.28 -7.38 23.83
N ASP C 198 -46.21 -8.68 23.56
CA ASP C 198 -44.99 -9.45 23.73
C ASP C 198 -44.32 -9.67 22.38
N VAL C 199 -42.99 -9.66 22.37
CA VAL C 199 -42.19 -9.87 21.17
C VAL C 199 -41.23 -11.02 21.45
N VAL C 200 -41.22 -12.01 20.55
CA VAL C 200 -40.45 -13.24 20.74
C VAL C 200 -39.34 -13.30 19.71
N LEU C 201 -38.12 -13.57 20.19
CA LEU C 201 -36.99 -13.91 19.34
C LEU C 201 -36.55 -15.34 19.64
N GLN C 202 -36.10 -16.04 18.61
CA GLN C 202 -35.66 -17.42 18.76
C GLN C 202 -34.27 -17.59 18.13
N GLY C 203 -33.62 -18.70 18.50
CA GLY C 203 -32.36 -19.07 17.88
C GLY C 203 -31.23 -18.11 18.24
N LEU C 204 -30.29 -17.99 17.28
CA LEU C 204 -29.07 -17.24 17.52
C LEU C 204 -29.35 -15.77 17.84
N LYS C 205 -30.43 -15.21 17.30
CA LYS C 205 -30.76 -13.82 17.57
C LYS C 205 -31.02 -13.54 19.05
N ALA C 206 -31.42 -14.57 19.80
CA ALA C 206 -31.66 -14.41 21.23
C ALA C 206 -30.38 -14.42 22.06
N CYS C 207 -29.21 -14.65 21.44
CA CYS C 207 -27.97 -14.79 22.18
C CYS C 207 -27.02 -13.61 22.02
N CYS C 208 -27.29 -12.67 21.11
CA CYS C 208 -26.43 -11.52 20.89
C CYS C 208 -27.22 -10.24 21.09
N TYR C 209 -26.57 -9.22 21.63
CA TYR C 209 -27.20 -7.92 21.83
C TYR C 209 -26.12 -6.85 21.94
N VAL C 210 -26.26 -5.80 21.13
CA VAL C 210 -25.37 -4.64 21.17
C VAL C 210 -26.10 -3.51 21.87
N GLY C 211 -25.51 -2.99 22.95
CA GLY C 211 -26.11 -1.88 23.66
C GLY C 211 -25.91 -1.92 25.16
N VAL C 212 -25.74 -3.12 25.73
CA VAL C 212 -25.45 -3.28 27.15
C VAL C 212 -24.28 -4.25 27.29
N GLN C 213 -23.71 -4.27 28.49
CA GLN C 213 -22.57 -5.15 28.77
C GLN C 213 -22.72 -5.96 30.03
N THR C 214 -23.84 -5.86 30.74
CA THR C 214 -24.11 -6.71 31.89
C THR C 214 -25.51 -7.30 31.74
N VAL C 215 -25.71 -8.46 32.38
CA VAL C 215 -27.03 -9.09 32.36
C VAL C 215 -28.05 -8.19 33.04
N GLU C 216 -27.63 -7.46 34.08
CA GLU C 216 -28.55 -6.58 34.80
C GLU C 216 -29.06 -5.45 33.91
N ASP C 217 -28.19 -4.86 33.09
CA ASP C 217 -28.64 -3.79 32.21
C ASP C 217 -29.52 -4.33 31.09
N LEU C 218 -29.26 -5.55 30.63
CA LEU C 218 -30.13 -6.17 29.63
C LEU C 218 -31.53 -6.41 30.18
N ARG C 219 -31.65 -6.70 31.48
CA ARG C 219 -32.94 -7.00 32.08
C ARG C 219 -33.64 -5.77 32.64
N ALA C 220 -33.00 -4.61 32.64
CA ALA C 220 -33.61 -3.41 33.18
C ALA C 220 -34.69 -2.89 32.24
N ARG C 221 -35.55 -2.03 32.79
CA ARG C 221 -36.62 -1.43 32.01
C ARG C 221 -36.06 -0.37 31.06
N MET C 222 -36.59 -0.33 29.85
CA MET C 222 -36.21 0.66 28.85
C MET C 222 -37.40 1.53 28.51
N THR C 223 -37.16 2.81 28.24
CA THR C 223 -38.23 3.74 27.91
C THR C 223 -37.77 4.62 26.75
N TYR C 224 -38.65 4.82 25.78
CA TYR C 224 -38.34 5.57 24.56
C TYR C 224 -39.65 6.01 23.93
N VAL C 225 -39.56 6.87 22.93
CA VAL C 225 -40.75 7.48 22.35
C VAL C 225 -41.57 6.42 21.62
N CYS C 226 -42.88 6.47 21.83
CA CYS C 226 -43.80 5.56 21.17
C CYS C 226 -44.30 6.18 19.87
N GLN C 227 -44.84 5.34 18.99
CA GLN C 227 -45.35 5.84 17.71
C GLN C 227 -46.49 6.84 17.93
N CYS C 228 -47.25 6.69 19.02
CA CYS C 228 -48.30 7.64 19.35
C CYS C 228 -47.76 8.96 19.89
N GLY C 229 -46.44 9.08 20.09
CA GLY C 229 -45.87 10.24 20.71
C GLY C 229 -45.65 10.13 22.21
N GLY C 230 -46.28 9.15 22.86
CA GLY C 230 -46.11 8.94 24.27
C GLY C 230 -44.80 8.25 24.59
N GLU C 231 -44.78 7.58 25.74
CA GLU C 231 -43.60 6.88 26.23
C GLU C 231 -43.87 5.38 26.24
N ARG C 232 -43.09 4.66 25.46
CA ARG C 232 -43.19 3.21 25.39
C ARG C 232 -42.16 2.58 26.32
N HIS C 233 -42.51 1.43 26.88
CA HIS C 233 -41.60 0.72 27.76
C HIS C 233 -41.32 -0.67 27.20
N ARG C 234 -40.17 -1.21 27.57
CA ARG C 234 -39.69 -2.49 27.06
C ARG C 234 -38.90 -3.15 28.18
N GLN C 235 -39.11 -4.44 28.39
CA GLN C 235 -38.45 -5.14 29.49
C GLN C 235 -38.41 -6.64 29.18
N LEU C 236 -37.23 -7.23 29.33
CA LEU C 236 -37.06 -8.66 29.12
C LEU C 236 -37.85 -9.43 30.18
N VAL C 237 -38.58 -10.45 29.74
CA VAL C 237 -39.50 -11.14 30.64
C VAL C 237 -39.15 -12.63 30.70
N GLU C 238 -38.52 -13.15 29.64
CA GLU C 238 -38.05 -14.52 29.66
C GLU C 238 -36.83 -14.66 28.76
N HIS C 239 -35.82 -15.38 29.24
CA HIS C 239 -34.58 -15.58 28.49
C HIS C 239 -34.09 -17.00 28.74
N THR C 240 -33.95 -17.77 27.65
CA THR C 240 -33.40 -19.12 27.72
C THR C 240 -32.43 -19.27 26.54
N THR C 241 -31.14 -19.36 26.84
CA THR C 241 -30.10 -19.41 25.82
C THR C 241 -28.97 -20.33 26.29
N PRO C 242 -28.19 -20.88 25.36
CA PRO C 242 -26.99 -21.62 25.76
C PRO C 242 -25.81 -20.72 26.12
N TRP C 243 -25.83 -19.47 25.67
CA TRP C 243 -24.84 -18.47 26.07
C TRP C 243 -25.41 -17.10 25.73
N LEU C 244 -24.68 -16.06 26.07
CA LEU C 244 -25.14 -14.71 25.80
C LEU C 244 -23.94 -13.81 25.58
N LEU C 245 -23.93 -13.09 24.46
CA LEU C 245 -22.85 -12.19 24.09
C LEU C 245 -23.38 -10.76 24.10
N LEU C 246 -22.84 -9.93 24.99
CA LEU C 246 -23.25 -8.54 25.11
C LEU C 246 -22.07 -7.64 24.76
N SER C 247 -22.33 -6.61 23.96
CA SER C 247 -21.28 -5.72 23.48
C SER C 247 -21.71 -4.28 23.60
N GLY C 248 -20.74 -3.42 23.93
CA GLY C 248 -20.97 -2.00 24.00
C GLY C 248 -19.66 -1.27 23.80
N THR C 249 -19.70 0.04 24.00
CA THR C 249 -18.50 0.85 23.86
C THR C 249 -17.50 0.51 24.97
N PRO C 250 -16.20 0.76 24.74
CA PRO C 250 -15.21 0.50 25.80
C PRO C 250 -15.60 1.13 27.13
N ASN C 251 -15.66 0.30 28.17
CA ASN C 251 -16.12 0.71 29.48
C ASN C 251 -15.15 0.20 30.53
N GLU C 252 -14.50 1.12 31.24
CA GLU C 252 -13.48 0.73 32.20
C GLU C 252 -14.10 -0.04 33.36
N LYS C 253 -13.51 -1.19 33.67
CA LYS C 253 -13.93 -2.03 34.77
C LYS C 253 -12.68 -2.61 35.43
N LEU C 254 -12.84 -3.13 36.63
CA LEU C 254 -11.78 -3.87 37.31
C LEU C 254 -12.22 -5.33 37.37
N VAL C 255 -11.68 -6.14 36.48
CA VAL C 255 -11.97 -7.57 36.45
C VAL C 255 -11.10 -8.27 37.49
N THR C 256 -11.74 -9.14 38.27
CA THR C 256 -11.11 -9.74 39.43
C THR C 256 -11.57 -11.19 39.59
N THR C 257 -10.61 -12.07 39.87
CA THR C 257 -10.96 -13.44 40.21
C THR C 257 -11.38 -13.60 41.67
N SER C 258 -11.13 -12.61 42.53
CA SER C 258 -11.56 -12.71 43.92
C SER C 258 -13.06 -12.90 44.04
N THR C 259 -13.83 -12.19 43.22
CA THR C 259 -15.28 -12.26 43.29
C THR C 259 -15.88 -13.36 42.42
N ALA C 260 -15.07 -14.01 41.57
CA ALA C 260 -15.53 -15.06 40.67
C ALA C 260 -16.65 -14.53 39.78
N PRO C 261 -16.33 -13.75 38.74
CA PRO C 261 -17.38 -13.19 37.89
C PRO C 261 -18.05 -14.27 37.06
N ASP C 262 -19.26 -13.93 36.59
CA ASP C 262 -20.09 -14.92 35.90
C ASP C 262 -19.69 -15.10 34.44
N PHE C 263 -19.19 -14.06 33.77
CA PHE C 263 -18.81 -14.22 32.39
C PHE C 263 -17.59 -15.14 32.27
N VAL C 264 -17.43 -15.73 31.09
CA VAL C 264 -16.34 -16.68 30.85
C VAL C 264 -15.31 -16.14 29.86
N ALA C 265 -15.61 -15.07 29.15
CA ALA C 265 -14.65 -14.46 28.25
C ALA C 265 -15.09 -13.03 27.97
N PHE C 266 -14.13 -12.20 27.56
CA PHE C 266 -14.44 -10.83 27.21
C PHE C 266 -13.32 -10.28 26.36
N ASN C 267 -13.64 -9.22 25.61
CA ASN C 267 -12.67 -8.50 24.80
C ASN C 267 -12.37 -7.14 25.41
N VAL C 268 -11.15 -6.66 25.19
CA VAL C 268 -10.69 -5.41 25.77
C VAL C 268 -10.15 -4.54 24.64
N PHE C 269 -10.52 -3.26 24.68
CA PHE C 269 -9.92 -2.24 23.82
C PHE C 269 -8.95 -1.41 24.65
N GLN C 270 -7.71 -1.29 24.18
CA GLN C 270 -6.67 -0.52 24.86
C GLN C 270 -6.41 0.77 24.08
N GLY C 271 -6.34 1.88 24.80
CA GLY C 271 -6.22 3.19 24.19
C GLY C 271 -7.52 3.97 24.34
N ILE C 272 -7.55 5.13 23.69
CA ILE C 272 -8.74 5.97 23.70
C ILE C 272 -9.57 5.70 22.45
N GLU C 273 -10.88 5.94 22.57
CA GLU C 273 -11.81 5.58 21.50
C GLU C 273 -11.57 6.40 20.24
N THR C 274 -11.18 7.66 20.39
CA THR C 274 -11.04 8.55 19.24
C THR C 274 -9.77 8.30 18.44
N ALA C 275 -8.98 7.29 18.78
CA ALA C 275 -7.70 7.06 18.14
C ALA C 275 -7.51 5.56 17.91
N VAL C 276 -6.48 5.23 17.14
CA VAL C 276 -6.16 3.83 16.88
C VAL C 276 -5.73 3.15 18.17
N GLY C 277 -6.36 2.03 18.49
CA GLY C 277 -6.04 1.30 19.69
C GLY C 277 -5.63 -0.14 19.45
N HIS C 278 -5.88 -1.00 20.43
CA HIS C 278 -5.40 -2.37 20.41
C HIS C 278 -6.42 -3.26 21.10
N TYR C 279 -6.62 -4.46 20.57
CA TYR C 279 -7.58 -5.41 21.12
C TYR C 279 -6.85 -6.56 21.82
N VAL C 280 -7.45 -7.04 22.91
CA VAL C 280 -6.99 -8.24 23.60
C VAL C 280 -8.22 -9.12 23.85
N HIS C 281 -8.02 -10.44 23.72
CA HIS C 281 -9.08 -11.41 24.02
C HIS C 281 -8.75 -12.10 25.32
N ALA C 282 -9.72 -12.12 26.25
CA ALA C 282 -9.49 -12.65 27.58
C ALA C 282 -10.48 -13.77 27.90
N ARG C 283 -10.00 -14.76 28.65
CA ARG C 283 -10.81 -15.90 29.06
C ARG C 283 -10.51 -16.24 30.52
N LEU C 284 -11.54 -16.63 31.26
CA LEU C 284 -11.40 -17.03 32.64
C LEU C 284 -11.33 -18.54 32.71
N LYS C 285 -10.22 -19.07 33.25
CA LYS C 285 -10.03 -20.50 33.33
C LYS C 285 -9.12 -20.81 34.51
N GLY C 286 -9.55 -21.77 35.33
CA GLY C 286 -8.74 -22.20 36.46
C GLY C 286 -8.51 -21.15 37.52
N GLY C 287 -9.35 -20.12 37.57
CA GLY C 287 -9.17 -19.07 38.55
C GLY C 287 -8.21 -17.98 38.16
N LEU C 288 -7.96 -17.78 36.87
CA LEU C 288 -7.10 -16.72 36.40
C LEU C 288 -7.68 -16.11 35.13
N ILE C 289 -7.19 -14.93 34.78
CA ILE C 289 -7.53 -14.28 33.51
C ILE C 289 -6.43 -14.59 32.52
N LEU C 290 -6.80 -15.19 31.38
CA LEU C 290 -5.85 -15.49 30.32
C LEU C 290 -5.99 -14.41 29.26
N LYS C 291 -4.93 -13.63 29.06
CA LYS C 291 -4.96 -12.49 28.16
C LYS C 291 -4.26 -12.87 26.86
N PHE C 292 -5.04 -13.02 25.79
CA PHE C 292 -4.53 -13.43 24.49
C PHE C 292 -4.30 -12.20 23.64
N ASP C 293 -3.03 -11.83 23.45
CA ASP C 293 -2.65 -10.64 22.70
C ASP C 293 -1.94 -11.08 21.42
N SER C 294 -2.73 -11.46 20.42
CA SER C 294 -2.25 -11.67 19.06
C SER C 294 -1.06 -12.64 19.01
N GLY C 295 -1.31 -13.87 19.45
CA GLY C 295 -0.29 -14.90 19.41
C GLY C 295 0.57 -15.02 20.65
N THR C 296 0.41 -14.13 21.63
CA THR C 296 1.05 -14.25 22.93
C THR C 296 -0.01 -14.29 24.02
N VAL C 297 0.32 -14.94 25.12
CA VAL C 297 -0.63 -15.11 26.22
C VAL C 297 0.08 -14.80 27.54
N SER C 298 -0.66 -14.20 28.46
CA SER C 298 -0.19 -14.02 29.83
C SER C 298 -1.39 -14.12 30.76
N LYS C 299 -1.11 -14.35 32.04
CA LYS C 299 -2.15 -14.59 33.03
C LYS C 299 -2.07 -13.57 34.15
N THR C 300 -3.24 -13.11 34.57
CA THR C 300 -3.36 -12.16 35.66
C THR C 300 -4.55 -12.54 36.53
N SER C 301 -4.48 -12.17 37.80
CA SER C 301 -5.61 -12.33 38.70
C SER C 301 -6.51 -11.10 38.72
N ASP C 302 -5.97 -9.95 38.35
CA ASP C 302 -6.66 -8.67 38.41
C ASP C 302 -6.25 -7.84 37.22
N TRP C 303 -7.18 -7.02 36.73
CA TRP C 303 -6.92 -6.25 35.52
C TRP C 303 -7.95 -5.15 35.37
N LYS C 304 -7.49 -3.90 35.38
CA LYS C 304 -8.33 -2.75 35.08
C LYS C 304 -8.24 -2.47 33.59
N CYS C 305 -9.37 -2.58 32.89
CA CYS C 305 -9.35 -2.58 31.43
C CYS C 305 -10.69 -2.08 30.90
N LYS C 306 -10.67 -1.64 29.64
CA LYS C 306 -11.87 -1.19 28.95
C LYS C 306 -12.50 -2.38 28.23
N VAL C 307 -13.60 -2.87 28.76
CA VAL C 307 -14.27 -4.05 28.20
C VAL C 307 -15.18 -3.62 27.06
N THR C 308 -15.22 -4.43 26.00
CA THR C 308 -16.13 -4.20 24.87
C THR C 308 -17.17 -5.32 24.78
N ASP C 309 -16.78 -6.51 24.32
CA ASP C 309 -17.65 -7.67 24.28
C ASP C 309 -17.49 -8.50 25.56
N VAL C 310 -18.60 -9.04 26.05
CA VAL C 310 -18.60 -9.93 27.22
C VAL C 310 -19.41 -11.17 26.87
N LEU C 311 -18.85 -12.35 27.13
CA LEU C 311 -19.51 -13.62 26.87
C LEU C 311 -19.94 -14.24 28.20
N PHE C 312 -21.24 -14.34 28.42
CA PHE C 312 -21.83 -14.96 29.59
C PHE C 312 -22.26 -16.39 29.27
N PRO C 313 -22.39 -17.26 30.28
CA PRO C 313 -22.88 -18.61 30.01
C PRO C 313 -24.38 -18.65 29.72
N GLY C 314 -24.96 -19.84 29.73
CA GLY C 314 -26.36 -19.97 29.39
C GLY C 314 -27.27 -19.21 30.34
N GLN C 315 -28.38 -18.73 29.79
CA GLN C 315 -29.37 -17.98 30.55
C GLN C 315 -30.63 -18.81 30.78
N LYS C 316 -31.26 -18.59 31.92
CA LYS C 316 -32.57 -19.16 32.21
C LYS C 316 -33.24 -18.17 33.15
N TYR C 317 -34.27 -17.48 32.67
CA TYR C 317 -34.77 -16.30 33.35
C TYR C 317 -36.25 -16.13 33.08
N SER C 318 -36.98 -15.69 34.12
CA SER C 318 -38.39 -15.38 34.03
C SER C 318 -38.68 -14.19 34.94
N SER C 319 -39.56 -13.30 34.48
CA SER C 319 -39.84 -12.07 35.19
C SER C 319 -41.27 -11.64 34.96
N ASP C 320 -41.70 -10.63 35.72
CA ASP C 320 -43.05 -10.08 35.60
C ASP C 320 -43.04 -8.55 35.72
N MET D 1 -44.98 1.90 -2.78
CA MET D 1 -44.64 2.15 -1.38
C MET D 1 -44.36 3.63 -1.13
N GLU D 2 -44.77 4.10 0.04
CA GLU D 2 -44.58 5.49 0.45
C GLU D 2 -43.58 5.56 1.60
N PRO D 3 -42.80 6.63 1.66
CA PRO D 3 -41.80 6.74 2.74
C PRO D 3 -42.44 6.87 4.11
N LEU D 4 -41.70 6.44 5.12
CA LEU D 4 -42.06 6.59 6.52
C LEU D 4 -40.91 7.26 7.26
N SER D 5 -41.15 7.65 8.50
CA SER D 5 -40.22 8.43 9.30
C SER D 5 -39.64 7.55 10.40
N ILE D 6 -38.32 7.39 10.41
CA ILE D 6 -37.63 6.68 11.48
C ILE D 6 -36.70 7.66 12.19
N LEU D 7 -36.18 7.22 13.33
CA LEU D 7 -35.30 8.02 14.17
C LEU D 7 -33.93 7.37 14.26
N VAL D 8 -32.89 8.19 14.18
CA VAL D 8 -31.52 7.76 14.41
C VAL D 8 -30.94 8.60 15.53
N ARG D 9 -30.38 7.93 16.54
CA ARG D 9 -29.83 8.58 17.71
C ARG D 9 -28.31 8.50 17.70
N ASN D 10 -27.64 9.62 17.98
CA ASN D 10 -26.19 9.66 17.90
C ASN D 10 -25.54 9.37 19.25
N ASN D 11 -24.23 9.60 19.33
CA ASN D 11 -23.46 9.31 20.54
C ASN D 11 -24.00 10.08 21.74
N LYS D 12 -24.37 11.33 21.55
CA LYS D 12 -24.77 12.21 22.64
C LYS D 12 -26.24 12.09 23.02
N GLY D 13 -26.99 11.22 22.34
CA GLY D 13 -28.38 10.99 22.70
C GLY D 13 -29.39 11.84 21.96
N ARG D 14 -29.03 12.48 20.85
CA ARG D 14 -29.96 13.30 20.08
C ARG D 14 -30.57 12.47 18.95
N SER D 15 -31.90 12.47 18.86
CA SER D 15 -32.61 11.75 17.82
C SER D 15 -33.03 12.70 16.71
N SER D 16 -32.81 12.28 15.47
CA SER D 16 -33.20 13.04 14.30
C SER D 16 -34.14 12.22 13.43
N THR D 17 -35.01 12.91 12.69
CA THR D 17 -35.96 12.26 11.82
C THR D 17 -35.36 12.02 10.45
N TYR D 18 -35.72 10.90 9.84
CA TYR D 18 -35.29 10.57 8.49
C TYR D 18 -36.45 9.96 7.73
N GLU D 19 -36.71 10.46 6.53
CA GLU D 19 -37.69 9.88 5.63
C GLU D 19 -37.02 8.77 4.84
N VAL D 20 -37.49 7.54 5.02
CA VAL D 20 -36.90 6.37 4.39
C VAL D 20 -37.99 5.57 3.70
N ARG D 21 -37.56 4.69 2.80
CA ARG D 21 -38.41 3.66 2.24
C ARG D 21 -37.88 2.31 2.68
N LEU D 22 -38.79 1.39 3.02
CA LEU D 22 -38.34 0.08 3.45
C LEU D 22 -37.60 -0.66 2.34
N THR D 23 -37.75 -0.22 1.09
CA THR D 23 -37.01 -0.80 -0.03
C THR D 23 -35.58 -0.27 -0.13
N GLN D 24 -35.28 0.88 0.47
CA GLN D 24 -33.92 1.40 0.45
C GLN D 24 -32.98 0.52 1.25
N THR D 25 -31.70 0.56 0.88
CA THR D 25 -30.68 -0.19 1.60
C THR D 25 -30.27 0.54 2.89
N VAL D 26 -29.61 -0.22 3.77
CA VAL D 26 -29.02 0.36 4.98
C VAL D 26 -27.92 1.34 4.60
N ALA D 27 -27.17 1.03 3.54
CA ALA D 27 -26.13 1.93 3.05
C ALA D 27 -26.73 3.29 2.68
N HIS D 28 -27.93 3.30 2.12
CA HIS D 28 -28.59 4.55 1.77
C HIS D 28 -28.94 5.36 3.01
N LEU D 29 -29.47 4.69 4.05
CA LEU D 29 -29.74 5.39 5.30
C LEU D 29 -28.46 5.94 5.92
N LYS D 30 -27.39 5.14 5.92
CA LYS D 30 -26.12 5.61 6.47
C LYS D 30 -25.63 6.88 5.77
N GLN D 31 -25.92 7.02 4.47
CA GLN D 31 -25.55 8.26 3.79
C GLN D 31 -26.40 9.43 4.28
N GLN D 32 -27.68 9.20 4.53
CA GLN D 32 -28.52 10.25 5.11
C GLN D 32 -28.00 10.68 6.48
N VAL D 33 -27.66 9.71 7.32
CA VAL D 33 -27.13 10.03 8.66
C VAL D 33 -25.79 10.74 8.54
N SER D 34 -24.94 10.29 7.61
CA SER D 34 -23.63 10.91 7.43
C SER D 34 -23.77 12.38 7.06
N GLY D 35 -24.78 12.73 6.25
CA GLY D 35 -24.96 14.12 5.87
C GLY D 35 -25.51 14.97 7.01
N LEU D 36 -26.41 14.40 7.82
CA LEU D 36 -27.01 15.17 8.90
C LEU D 36 -26.02 15.34 10.06
N GLU D 37 -25.34 14.26 10.44
CA GLU D 37 -24.44 14.33 11.60
C GLU D 37 -23.07 14.88 11.24
N GLY D 38 -22.64 14.75 9.99
CA GLY D 38 -21.32 15.21 9.59
C GLY D 38 -20.20 14.24 9.92
N VAL D 39 -20.44 12.94 9.78
CA VAL D 39 -19.47 11.90 10.08
C VAL D 39 -19.47 10.90 8.93
N GLN D 40 -18.28 10.54 8.45
CA GLN D 40 -18.15 9.67 7.29
C GLN D 40 -18.74 8.27 7.56
N ASP D 41 -19.14 7.60 6.48
CA ASP D 41 -19.87 6.33 6.60
C ASP D 41 -19.06 5.27 7.33
N ASP D 42 -17.75 5.22 7.08
CA ASP D 42 -16.91 4.18 7.66
C ASP D 42 -16.51 4.48 9.10
N LEU D 43 -17.04 5.53 9.71
CA LEU D 43 -16.75 5.84 11.10
C LEU D 43 -17.85 5.42 12.06
N PHE D 44 -18.98 4.93 11.53
CA PHE D 44 -20.07 4.50 12.39
C PHE D 44 -20.83 3.36 11.73
N TRP D 45 -21.51 2.57 12.56
CA TRP D 45 -22.41 1.52 12.12
C TRP D 45 -23.72 1.68 12.87
N LEU D 46 -24.77 1.05 12.35
CA LEU D 46 -26.12 1.22 12.86
C LEU D 46 -26.63 -0.07 13.51
N THR D 47 -27.36 0.08 14.62
CA THR D 47 -28.03 -1.03 15.26
C THR D 47 -29.51 -0.71 15.44
N PHE D 48 -30.33 -1.75 15.39
CA PHE D 48 -31.74 -1.65 15.73
C PHE D 48 -32.07 -2.80 16.68
N GLU D 49 -32.60 -2.45 17.85
CA GLU D 49 -32.95 -3.44 18.87
C GLU D 49 -31.78 -4.39 19.17
N GLY D 50 -30.57 -3.82 19.23
CA GLY D 50 -29.39 -4.59 19.55
C GLY D 50 -28.79 -5.39 18.41
N LYS D 51 -29.32 -5.25 17.18
CA LYS D 51 -28.83 -5.98 16.03
C LYS D 51 -28.20 -5.03 15.02
N PRO D 52 -27.05 -5.37 14.47
CA PRO D 52 -26.43 -4.51 13.46
C PRO D 52 -27.24 -4.51 12.17
N LEU D 53 -27.13 -3.40 11.43
CA LEU D 53 -27.79 -3.24 10.14
C LEU D 53 -26.75 -3.41 9.04
N GLU D 54 -26.93 -4.46 8.23
CA GLU D 54 -25.98 -4.75 7.15
C GLU D 54 -26.25 -3.84 5.96
N ASP D 55 -25.18 -3.22 5.45
CA ASP D 55 -25.31 -2.13 4.47
C ASP D 55 -26.04 -2.59 3.20
N GLN D 56 -25.83 -3.83 2.78
CA GLN D 56 -26.38 -4.30 1.52
C GLN D 56 -27.85 -4.68 1.61
N LEU D 57 -28.44 -4.76 2.84
CA LEU D 57 -29.81 -5.23 3.00
C LEU D 57 -30.79 -4.06 3.01
N PRO D 58 -32.02 -4.29 2.57
CA PRO D 58 -33.04 -3.25 2.65
C PRO D 58 -33.59 -3.11 4.06
N LEU D 59 -34.08 -1.90 4.35
CA LEU D 59 -34.56 -1.60 5.71
C LEU D 59 -35.74 -2.47 6.10
N GLY D 60 -36.54 -2.91 5.13
CA GLY D 60 -37.71 -3.71 5.43
C GLY D 60 -37.42 -5.04 6.11
N GLU D 61 -36.17 -5.51 6.03
CA GLU D 61 -35.81 -6.77 6.67
C GLU D 61 -35.61 -6.65 8.17
N TYR D 62 -35.64 -5.43 8.71
CA TYR D 62 -35.40 -5.21 10.13
C TYR D 62 -36.67 -4.81 10.89
N GLY D 63 -37.82 -4.82 10.23
CA GLY D 63 -39.05 -4.50 10.92
C GLY D 63 -39.16 -3.07 11.40
N LEU D 64 -38.50 -2.14 10.73
CA LEU D 64 -38.65 -0.73 11.06
C LEU D 64 -40.07 -0.26 10.78
N LYS D 65 -40.59 0.58 11.67
CA LYS D 65 -41.93 1.15 11.56
C LYS D 65 -41.81 2.64 11.90
N PRO D 66 -42.87 3.45 11.74
CA PRO D 66 -42.71 4.89 12.02
C PRO D 66 -42.23 5.16 13.44
N LEU D 67 -41.24 6.05 13.54
CA LEU D 67 -40.63 6.49 14.79
C LEU D 67 -39.86 5.38 15.51
N SER D 68 -39.47 4.33 14.78
CA SER D 68 -38.50 3.38 15.31
C SER D 68 -37.19 4.10 15.56
N THR D 69 -36.46 3.65 16.57
CA THR D 69 -35.21 4.29 16.98
C THR D 69 -34.03 3.40 16.60
N VAL D 70 -33.27 3.84 15.62
CA VAL D 70 -32.01 3.21 15.23
C VAL D 70 -30.87 3.92 15.97
N PHE D 71 -29.90 3.15 16.45
CA PHE D 71 -28.79 3.70 17.20
C PHE D 71 -27.54 3.82 16.33
N MET D 72 -26.85 4.94 16.48
CA MET D 72 -25.56 5.18 15.85
C MET D 72 -24.45 4.69 16.78
N ASN D 73 -23.58 3.83 16.26
CA ASN D 73 -22.48 3.26 17.03
C ASN D 73 -21.16 3.66 16.41
N LEU D 74 -20.23 4.11 17.24
CA LEU D 74 -18.90 4.44 16.74
C LEU D 74 -18.19 3.19 16.26
N ARG D 75 -17.52 3.30 15.11
CA ARG D 75 -16.74 2.20 14.55
C ARG D 75 -15.31 2.34 15.04
N LEU D 76 -14.95 1.57 16.07
CA LEU D 76 -13.63 1.68 16.66
C LEU D 76 -12.56 1.21 15.69
N ARG D 77 -11.34 1.70 15.91
CA ARG D 77 -10.19 1.36 15.09
C ARG D 77 -9.15 0.70 15.99
N GLY D 78 -9.18 -0.62 16.05
CA GLY D 78 -8.24 -1.37 16.86
C GLY D 78 -7.41 -2.34 16.04
#